data_1ATI
#
_entry.id   1ATI
#
_cell.length_a   126.900
_cell.length_b   255.300
_cell.length_c   105.000
_cell.angle_alpha   90.00
_cell.angle_beta   90.00
_cell.angle_gamma   90.00
#
_symmetry.space_group_name_H-M   'C 2 2 21'
#
loop_
_entity.id
_entity.type
_entity.pdbx_description
1 polymer 'GLYCYL-TRNA SYNTHETASE'
2 polymer 'GLYCYL-tRNA SYNTHETASE'
3 polymer 'GLYCYL-tRNA SYNTHETASE'
4 water water
#
loop_
_entity_poly.entity_id
_entity_poly.type
_entity_poly.pdbx_seq_one_letter_code
_entity_poly.pdbx_strand_id
1 'polypeptide(L)'
;AASSLDELVALCKRRGFIFQSSEIYGGLQGVYDYGPLGVELKNNLKQAWWRRNVYERDDMEGLDASVLTHRLVLHYSGHE
ATFADPMVDNRITKKRYRLDHLLKEQPEEVLKRLYRAMEVEEENLHALVQAMMQAPERAGGAMTAAGVLDPASGEPGDWT
PPRYFNMMFQDLRGPRGGRGLLAYLRPETAQGIFVNFKNVLDATSRKLGFGIAQIGKAFRNEITPRNFIFRVREFEQMEI
EYFVRPGEDEYWHRYWVEERLKWWQEMGLSRENLVPYQQPPESSAHYAKATVDILYRFPHGSLELEGIAQRTDFDLGSHT
KDQEALGITARVLRNEHSTQRLAYRDPETGKWFVPYVIEPSAGVDRGVLALLAEAFTREELPNGEERIVLKLKPQLAPIK
VAVIPLVKNRPEITEYAKRLKARLLALGLGRVLYEDTGNIGKAYRRHDEVGTPFAVTVDYDTIGQSKDGTTRLKDTVTVR
DRDTMEQIRLHVDELEGFLRERLRW
;
A,B
2 'polypeptide(L)'
;(UNK)(UNK)(UNK)(UNK)(UNK)(UNK)(UNK)(UNK)(UNK)(UNK)(UNK)(UNK)(UNK)(UNK)(UNK)(UNK)
(UNK)(UNK)(UNK)(UNK)(UNK)(UNK)(UNK)(UNK)(UNK)(UNK)(UNK)(UNK)(UNK)(UNK)(UNK)(UNK)
(UNK)(UNK)(UNK)(UNK)(UNK)
;
C
3 'polypeptide(L)' (UNK)(UNK)(UNK)(UNK)(UNK)(UNK)(UNK)(UNK)(UNK)(UNK)(UNK)(UNK)(UNK)(UNK)(UNK)(UNK) D
#
# COMPACT_ATOMS: atom_id res chain seq x y z
N ALA A 1 -10.30 24.66 -10.57
CA ALA A 1 -10.67 24.26 -9.18
C ALA A 1 -12.17 23.91 -9.13
N ALA A 2 -12.56 23.09 -8.15
CA ALA A 2 -13.96 22.67 -7.97
C ALA A 2 -14.75 23.54 -7.00
N SER A 3 -16.03 23.73 -7.25
CA SER A 3 -16.86 24.58 -6.39
C SER A 3 -17.64 23.90 -5.27
N SER A 4 -18.08 22.66 -5.46
CA SER A 4 -18.84 21.98 -4.41
C SER A 4 -18.23 20.64 -3.99
N LEU A 5 -18.51 20.22 -2.77
CA LEU A 5 -18.00 18.94 -2.31
C LEU A 5 -18.71 17.77 -3.04
N ASP A 6 -20.00 17.95 -3.35
CA ASP A 6 -20.78 16.92 -4.01
C ASP A 6 -20.45 16.70 -5.46
N GLU A 7 -19.96 17.72 -6.14
CA GLU A 7 -19.55 17.61 -7.54
C GLU A 7 -18.51 16.49 -7.60
N LEU A 8 -17.58 16.54 -6.65
CA LEU A 8 -16.50 15.57 -6.52
C LEU A 8 -17.02 14.18 -6.15
N VAL A 9 -17.74 14.08 -5.03
CA VAL A 9 -18.32 12.82 -4.58
C VAL A 9 -19.00 12.15 -5.78
N ALA A 10 -19.72 12.95 -6.56
CA ALA A 10 -20.41 12.47 -7.75
C ALA A 10 -19.45 11.94 -8.83
N LEU A 11 -18.45 12.74 -9.20
CA LEU A 11 -17.49 12.32 -10.22
C LEU A 11 -16.75 11.07 -9.76
N CYS A 12 -16.31 11.11 -8.52
CA CYS A 12 -15.60 10.00 -7.91
C CYS A 12 -16.35 8.70 -8.04
N LYS A 13 -17.65 8.77 -7.80
CA LYS A 13 -18.45 7.57 -7.92
C LYS A 13 -18.72 7.31 -9.40
N ARG A 14 -19.06 8.34 -10.14
CA ARG A 14 -19.37 8.16 -11.54
C ARG A 14 -18.27 7.59 -12.45
N ARG A 15 -17.03 7.98 -12.23
CA ARG A 15 -15.97 7.50 -13.09
C ARG A 15 -15.06 6.42 -12.48
N GLY A 16 -15.37 5.97 -11.28
CA GLY A 16 -14.59 4.91 -10.66
C GLY A 16 -13.31 5.25 -9.94
N PHE A 17 -13.40 6.25 -9.09
CA PHE A 17 -12.25 6.68 -8.31
C PHE A 17 -12.48 6.15 -6.93
N ILE A 18 -13.66 6.43 -6.37
CA ILE A 18 -14.03 5.98 -5.01
C ILE A 18 -15.51 5.54 -4.96
N PHE A 19 -15.77 4.50 -4.14
CA PHE A 19 -17.10 3.88 -3.91
C PHE A 19 -17.31 3.67 -2.41
N GLN A 20 -18.56 3.72 -1.98
CA GLN A 20 -18.89 3.50 -0.57
C GLN A 20 -18.61 2.02 -0.27
N SER A 21 -17.69 1.74 0.66
CA SER A 21 -17.41 0.35 0.97
C SER A 21 -18.69 -0.37 1.41
N SER A 22 -18.89 -1.58 0.88
CA SER A 22 -20.06 -2.43 1.16
C SER A 22 -21.40 -1.85 0.69
N GLU A 23 -21.38 -0.99 -0.31
CA GLU A 23 -22.60 -0.35 -0.80
C GLU A 23 -23.85 -1.24 -0.98
N ILE A 24 -23.70 -2.42 -1.59
CA ILE A 24 -24.87 -3.28 -1.84
C ILE A 24 -25.65 -3.75 -0.61
N TYR A 25 -25.04 -3.68 0.55
CA TYR A 25 -25.71 -4.09 1.78
C TYR A 25 -25.98 -2.88 2.69
N GLY A 26 -26.04 -1.68 2.09
CA GLY A 26 -26.28 -0.46 2.87
C GLY A 26 -25.04 0.35 3.23
N GLY A 27 -23.87 -0.14 2.85
CA GLY A 27 -22.63 0.54 3.14
C GLY A 27 -22.18 0.36 4.58
N LEU A 28 -20.87 0.44 4.78
CA LEU A 28 -20.30 0.33 6.10
C LEU A 28 -19.82 1.72 6.39
N GLN A 29 -20.76 2.66 6.29
CA GLN A 29 -20.56 4.09 6.53
C GLN A 29 -19.27 4.48 7.26
N GLY A 30 -18.42 5.28 6.59
CA GLY A 30 -17.17 5.67 7.21
C GLY A 30 -15.98 4.97 6.56
N VAL A 31 -16.23 3.93 5.78
CA VAL A 31 -15.16 3.24 5.08
C VAL A 31 -15.53 3.26 3.59
N TYR A 32 -14.55 3.54 2.75
CA TYR A 32 -14.74 3.64 1.31
C TYR A 32 -13.79 2.68 0.61
N ASP A 33 -13.99 2.49 -0.71
CA ASP A 33 -13.16 1.60 -1.54
C ASP A 33 -12.63 2.34 -2.78
N TYR A 34 -11.40 2.07 -3.21
CA TYR A 34 -10.84 2.73 -4.40
C TYR A 34 -10.99 1.96 -5.72
N GLY A 35 -11.71 2.55 -6.68
CA GLY A 35 -11.93 1.94 -7.98
C GLY A 35 -10.72 1.98 -8.92
N PRO A 36 -10.87 1.40 -10.12
CA PRO A 36 -9.83 1.32 -11.13
C PRO A 36 -9.03 2.60 -11.21
N LEU A 37 -9.74 3.71 -11.38
CA LEU A 37 -9.10 5.02 -11.51
C LEU A 37 -8.51 5.56 -10.23
N GLY A 38 -9.19 5.26 -9.12
CA GLY A 38 -8.73 5.66 -7.80
C GLY A 38 -7.42 4.99 -7.39
N VAL A 39 -7.34 3.67 -7.51
CA VAL A 39 -6.12 2.94 -7.13
C VAL A 39 -4.90 3.53 -7.82
N GLU A 40 -5.04 3.79 -9.12
CA GLU A 40 -3.96 4.36 -9.91
C GLU A 40 -3.45 5.69 -9.37
N LEU A 41 -4.34 6.68 -9.28
CA LEU A 41 -3.94 7.97 -8.73
C LEU A 41 -3.32 7.80 -7.32
N LYS A 42 -4.01 7.07 -6.46
CA LYS A 42 -3.51 6.86 -5.11
C LYS A 42 -2.07 6.33 -5.11
N ASN A 43 -1.85 5.25 -5.86
CA ASN A 43 -0.54 4.65 -5.96
C ASN A 43 0.48 5.59 -6.54
N ASN A 44 0.09 6.31 -7.59
CA ASN A 44 1.00 7.28 -8.20
C ASN A 44 1.49 8.31 -7.18
N LEU A 45 0.60 8.73 -6.28
CA LEU A 45 0.96 9.68 -5.26
C LEU A 45 1.91 9.07 -4.23
N LYS A 46 1.58 7.87 -3.75
CA LYS A 46 2.43 7.18 -2.78
C LYS A 46 3.83 6.99 -3.35
N GLN A 47 3.92 6.59 -4.60
CA GLN A 47 5.21 6.35 -5.21
C GLN A 47 6.08 7.58 -5.33
N ALA A 48 5.47 8.66 -5.82
CA ALA A 48 6.18 9.92 -6.00
C ALA A 48 6.71 10.36 -4.64
N TRP A 49 5.93 10.09 -3.59
CA TRP A 49 6.33 10.42 -2.24
C TRP A 49 7.51 9.54 -1.80
N TRP A 50 7.47 8.25 -2.11
CA TRP A 50 8.54 7.35 -1.71
C TRP A 50 9.83 7.66 -2.45
N ARG A 51 9.71 7.88 -3.75
CA ARG A 51 10.86 8.21 -4.57
C ARG A 51 11.58 9.42 -3.98
N ARG A 52 10.79 10.46 -3.70
CA ARG A 52 11.30 11.69 -3.12
C ARG A 52 11.95 11.59 -1.76
N ASN A 53 11.28 10.98 -0.79
CA ASN A 53 11.86 10.93 0.55
C ASN A 53 12.83 9.79 0.85
N VAL A 54 12.86 8.76 0.02
CA VAL A 54 13.75 7.65 0.31
C VAL A 54 14.87 7.52 -0.68
N TYR A 55 14.50 7.37 -1.94
CA TYR A 55 15.48 7.21 -2.99
C TYR A 55 16.35 8.43 -3.19
N GLU A 56 15.70 9.58 -3.30
CA GLU A 56 16.41 10.83 -3.54
C GLU A 56 17.22 11.37 -2.37
N ARG A 57 16.99 10.85 -1.16
CA ARG A 57 17.73 11.31 0.01
C ARG A 57 18.79 10.27 0.35
N ASP A 58 19.67 10.61 1.26
CA ASP A 58 20.70 9.67 1.68
C ASP A 58 20.68 9.41 3.18
N ASP A 59 19.66 9.90 3.87
CA ASP A 59 19.52 9.74 5.32
C ASP A 59 18.20 9.07 5.70
N MET A 60 17.57 8.39 4.75
CA MET A 60 16.28 7.75 5.00
C MET A 60 16.22 6.28 4.73
N GLU A 61 15.69 5.56 5.72
CA GLU A 61 15.50 4.12 5.70
C GLU A 61 13.98 3.89 5.63
N GLY A 62 13.53 2.92 4.84
CA GLY A 62 12.09 2.66 4.70
C GLY A 62 11.53 1.59 5.64
N LEU A 63 10.21 1.52 5.78
CA LEU A 63 9.65 0.51 6.66
C LEU A 63 8.21 0.16 6.38
N ASP A 64 7.82 -1.05 6.80
CA ASP A 64 6.43 -1.52 6.66
C ASP A 64 6.02 -2.44 7.83
N ALA A 65 5.42 -1.84 8.85
CA ALA A 65 5.00 -2.55 10.05
C ALA A 65 3.55 -2.96 9.97
N SER A 66 3.19 -3.95 10.77
CA SER A 66 1.85 -4.52 10.83
C SER A 66 0.83 -3.65 11.53
N VAL A 67 -0.44 -3.92 11.25
CA VAL A 67 -1.57 -3.19 11.78
C VAL A 67 -1.91 -3.68 13.19
N LEU A 68 -1.74 -4.98 13.41
CA LEU A 68 -2.02 -5.57 14.72
C LEU A 68 -0.96 -5.14 15.67
N THR A 69 -1.40 -4.34 16.61
CA THR A 69 -0.52 -3.79 17.60
C THR A 69 -0.75 -4.42 18.96
N HIS A 70 0.36 -4.79 19.59
CA HIS A 70 0.33 -5.34 20.92
C HIS A 70 -0.21 -4.25 21.88
N ARG A 71 -1.08 -4.66 22.79
CA ARG A 71 -1.70 -3.83 23.82
C ARG A 71 -0.74 -2.84 24.46
N LEU A 72 0.39 -3.37 24.90
CA LEU A 72 1.45 -2.60 25.56
C LEU A 72 2.01 -1.39 24.81
N VAL A 73 2.25 -1.55 23.51
CA VAL A 73 2.78 -0.47 22.69
C VAL A 73 1.91 0.76 22.92
N LEU A 74 0.61 0.57 22.76
CA LEU A 74 -0.36 1.63 22.92
C LEU A 74 -0.65 2.05 24.33
N HIS A 75 -0.11 1.33 25.30
CA HIS A 75 -0.27 1.73 26.70
C HIS A 75 0.79 2.81 26.91
N TYR A 76 2.03 2.39 26.69
CA TYR A 76 3.20 3.25 26.86
C TYR A 76 3.30 4.47 25.93
N SER A 77 2.50 4.53 24.87
CA SER A 77 2.54 5.68 23.98
C SER A 77 1.50 6.69 24.40
N GLY A 78 0.71 6.32 25.41
CA GLY A 78 -0.29 7.21 25.95
C GLY A 78 -1.70 7.02 25.46
N HIS A 79 -1.87 6.51 24.25
CA HIS A 79 -3.20 6.32 23.66
C HIS A 79 -4.27 5.65 24.54
N GLU A 80 -3.89 4.56 25.21
CA GLU A 80 -4.78 3.80 26.09
C GLU A 80 -5.43 4.71 27.11
N ALA A 81 -4.66 5.70 27.55
CA ALA A 81 -5.09 6.68 28.52
C ALA A 81 -5.74 7.96 27.93
N THR A 82 -5.35 8.39 26.72
CA THR A 82 -5.85 9.64 26.09
C THR A 82 -6.46 9.72 24.67
N PHE A 83 -6.23 8.72 23.82
CA PHE A 83 -6.79 8.79 22.49
C PHE A 83 -8.30 8.65 22.58
N ALA A 84 -8.99 9.69 23.06
CA ALA A 84 -10.44 9.61 23.21
C ALA A 84 -11.14 10.95 23.00
N ASP A 85 -12.46 10.91 22.88
CA ASP A 85 -13.29 12.09 22.67
C ASP A 85 -14.40 12.07 23.73
N PRO A 86 -15.00 13.22 24.04
CA PRO A 86 -16.10 13.36 25.02
C PRO A 86 -17.48 12.99 24.42
N MET A 87 -18.13 11.95 24.93
CA MET A 87 -19.41 11.50 24.38
C MET A 87 -20.59 11.36 25.39
N VAL A 88 -21.83 11.33 24.87
CA VAL A 88 -23.10 11.18 25.64
C VAL A 88 -24.28 10.61 24.81
N ASP A 89 -25.48 10.45 25.41
CA ASP A 89 -26.70 9.93 24.73
C ASP A 89 -27.98 10.69 25.18
N ASN A 90 -29.17 10.33 24.65
CA ASN A 90 -30.47 11.00 25.01
C ASN A 90 -31.71 10.07 25.20
N TRP A 159 -30.50 12.96 28.52
CA TRP A 159 -29.02 13.15 28.43
C TRP A 159 -28.37 12.37 29.54
N THR A 160 -27.47 11.45 29.21
CA THR A 160 -26.77 10.67 30.24
C THR A 160 -25.57 11.45 30.75
N PRO A 161 -24.88 10.95 31.80
CA PRO A 161 -23.76 11.79 32.20
C PRO A 161 -22.73 11.60 31.08
N PRO A 162 -21.88 12.58 30.92
CA PRO A 162 -20.83 12.59 29.89
C PRO A 162 -19.64 11.71 30.26
N ARG A 163 -19.04 11.05 29.25
CA ARG A 163 -17.83 10.24 29.47
C ARG A 163 -17.02 10.10 28.20
N TYR A 164 -15.70 9.92 28.35
CA TYR A 164 -14.78 9.79 27.23
C TYR A 164 -14.89 8.42 26.59
N PHE A 165 -14.94 8.43 25.26
CA PHE A 165 -15.01 7.19 24.51
C PHE A 165 -13.65 7.05 23.87
N ASN A 166 -12.89 6.04 24.28
CA ASN A 166 -11.58 5.86 23.69
C ASN A 166 -11.80 5.29 22.28
N MET A 167 -11.38 6.05 21.27
CA MET A 167 -11.59 5.71 19.87
C MET A 167 -10.70 4.72 19.14
N MET A 168 -10.06 3.81 19.85
CA MET A 168 -9.24 2.81 19.17
C MET A 168 -10.03 1.55 18.82
N PHE A 169 -9.65 0.89 17.73
CA PHE A 169 -10.27 -0.36 17.31
C PHE A 169 -9.57 -1.50 18.01
N GLN A 170 -10.31 -2.19 18.86
CA GLN A 170 -9.78 -3.31 19.63
C GLN A 170 -10.34 -4.61 19.11
N ASP A 171 -9.56 -5.66 19.20
CA ASP A 171 -10.02 -6.94 18.72
C ASP A 171 -9.24 -7.93 19.55
N LEU A 172 -9.84 -9.09 19.85
CA LEU A 172 -9.19 -10.08 20.71
C LEU A 172 -8.59 -11.30 19.92
N ARG A 173 -7.33 -11.61 20.20
CA ARG A 173 -6.59 -12.69 19.54
C ARG A 173 -6.90 -14.15 19.89
N GLY A 174 -7.60 -14.83 19.00
CA GLY A 174 -7.88 -16.23 19.21
C GLY A 174 -9.07 -16.72 20.02
N PRO A 175 -8.84 -17.70 20.91
CA PRO A 175 -9.77 -18.39 21.82
C PRO A 175 -10.83 -17.59 22.59
N ARG A 176 -10.42 -16.85 23.63
CA ARG A 176 -11.37 -16.10 24.45
C ARG A 176 -11.13 -14.58 24.59
N GLY A 177 -12.19 -13.82 24.87
CA GLY A 177 -12.09 -12.38 25.04
C GLY A 177 -11.40 -11.90 26.33
N GLY A 178 -10.48 -12.72 26.87
CA GLY A 178 -9.77 -12.38 28.08
C GLY A 178 -8.93 -11.13 27.89
N ARG A 179 -8.83 -10.32 28.94
CA ARG A 179 -8.07 -9.07 28.93
C ARG A 179 -6.65 -9.23 28.39
N GLY A 180 -6.08 -10.41 28.58
CA GLY A 180 -4.72 -10.67 28.12
C GLY A 180 -4.63 -11.09 26.67
N LEU A 181 -5.78 -11.25 26.01
CA LEU A 181 -5.83 -11.63 24.59
C LEU A 181 -6.29 -10.48 23.70
N LEU A 182 -6.21 -9.26 24.22
CA LEU A 182 -6.61 -8.05 23.49
C LEU A 182 -5.46 -7.42 22.66
N ALA A 183 -5.77 -6.94 21.46
CA ALA A 183 -4.81 -6.30 20.54
C ALA A 183 -5.52 -5.15 19.85
N TYR A 184 -4.75 -4.28 19.22
CA TYR A 184 -5.36 -3.16 18.55
C TYR A 184 -5.01 -3.01 17.11
N LEU A 185 -5.92 -2.33 16.43
CA LEU A 185 -5.71 -2.01 15.04
C LEU A 185 -5.11 -0.63 15.22
N ARG A 186 -3.80 -0.54 15.01
CA ARG A 186 -3.11 0.73 15.14
C ARG A 186 -3.90 1.94 14.58
N PRO A 187 -3.98 3.04 15.35
CA PRO A 187 -4.69 4.28 14.99
C PRO A 187 -3.77 5.28 14.27
N GLU A 188 -2.49 4.90 14.13
CA GLU A 188 -1.47 5.70 13.47
C GLU A 188 -0.29 4.77 13.19
N THR A 189 0.46 5.09 12.14
CA THR A 189 1.64 4.31 11.70
C THR A 189 2.95 4.46 12.53
N ALA A 190 3.12 5.63 13.15
CA ALA A 190 4.33 5.97 13.91
C ALA A 190 4.88 4.99 14.93
N GLN A 191 4.01 4.41 15.76
CA GLN A 191 4.48 3.49 16.80
C GLN A 191 5.30 2.32 16.22
N GLY A 192 4.90 1.88 15.02
CA GLY A 192 5.61 0.81 14.37
C GLY A 192 7.04 1.26 14.17
N ILE A 193 7.22 2.54 13.82
CA ILE A 193 8.54 3.08 13.60
C ILE A 193 9.31 3.12 14.90
N PHE A 194 8.74 3.81 15.88
CA PHE A 194 9.40 3.96 17.18
C PHE A 194 9.90 2.67 17.80
N VAL A 195 9.04 1.66 17.85
CA VAL A 195 9.45 0.40 18.46
C VAL A 195 10.57 -0.30 17.70
N ASN A 196 10.86 0.13 16.50
CA ASN A 196 11.90 -0.56 15.78
C ASN A 196 13.17 0.20 15.64
N PHE A 197 13.25 1.34 16.31
CA PHE A 197 14.44 2.17 16.25
C PHE A 197 15.76 1.39 16.40
N LYS A 198 15.91 0.69 17.52
CA LYS A 198 17.10 -0.08 17.81
C LYS A 198 17.36 -1.06 16.70
N ASN A 199 16.31 -1.78 16.34
CA ASN A 199 16.37 -2.76 15.27
C ASN A 199 16.96 -2.20 13.98
N VAL A 200 16.35 -1.12 13.50
CA VAL A 200 16.79 -0.43 12.29
C VAL A 200 18.20 0.06 12.47
N LEU A 201 18.45 0.65 13.63
CA LEU A 201 19.77 1.17 13.93
C LEU A 201 20.84 0.09 13.79
N ASP A 202 20.64 -1.04 14.46
CA ASP A 202 21.58 -2.14 14.46
C ASP A 202 21.91 -2.60 13.05
N ALA A 203 20.87 -2.97 12.30
CA ALA A 203 20.99 -3.48 10.93
C ALA A 203 21.58 -2.58 9.83
N THR A 204 21.38 -1.27 9.96
CA THR A 204 21.88 -0.33 8.98
C THR A 204 23.16 0.39 9.38
N SER A 205 23.47 0.46 10.68
CA SER A 205 24.68 1.15 11.18
C SER A 205 24.62 2.64 10.85
N ARG A 206 23.42 3.20 10.96
CA ARG A 206 23.17 4.61 10.67
C ARG A 206 23.73 5.61 11.69
N LYS A 207 24.12 6.78 11.22
CA LYS A 207 24.64 7.82 12.09
C LYS A 207 23.52 8.87 12.20
N LEU A 208 23.57 9.73 13.20
CA LEU A 208 22.52 10.71 13.37
C LEU A 208 22.40 11.85 12.36
N GLY A 209 21.15 12.22 12.14
CA GLY A 209 20.80 13.18 11.14
C GLY A 209 20.26 12.05 10.26
N PHE A 210 19.17 11.40 10.68
CA PHE A 210 18.54 10.34 9.87
C PHE A 210 17.08 10.00 10.25
N GLY A 211 16.28 9.58 9.29
CA GLY A 211 14.89 9.24 9.58
C GLY A 211 14.42 7.89 9.02
N ILE A 212 13.16 7.56 9.27
CA ILE A 212 12.59 6.31 8.80
C ILE A 212 11.22 6.62 8.20
N ALA A 213 11.05 6.32 6.91
CA ALA A 213 9.79 6.62 6.25
C ALA A 213 8.90 5.37 6.13
N GLN A 214 7.60 5.61 6.10
CA GLN A 214 6.65 4.51 6.03
C GLN A 214 5.27 4.92 5.55
N ILE A 215 4.61 4.00 4.84
CA ILE A 215 3.24 4.23 4.37
C ILE A 215 2.44 3.01 4.87
N GLY A 216 1.19 3.22 5.25
CA GLY A 216 0.40 2.15 5.78
C GLY A 216 -1.02 2.54 6.15
N LYS A 217 -1.74 1.56 6.69
CA LYS A 217 -3.13 1.79 7.07
C LYS A 217 -3.27 2.09 8.55
N ALA A 218 -4.33 2.83 8.90
CA ALA A 218 -4.61 3.17 10.28
C ALA A 218 -6.12 3.22 10.47
N PHE A 219 -6.56 2.95 11.71
CA PHE A 219 -7.97 2.86 12.06
C PHE A 219 -8.35 3.68 13.25
N ARG A 220 -9.24 4.62 13.01
CA ARG A 220 -9.76 5.52 14.01
C ARG A 220 -11.24 5.16 14.18
N ASN A 221 -11.62 4.81 15.40
CA ASN A 221 -13.02 4.44 15.70
C ASN A 221 -13.88 5.68 15.92
N GLU A 222 -13.96 6.49 14.88
CA GLU A 222 -14.72 7.71 14.89
C GLU A 222 -16.12 7.45 15.40
N ILE A 223 -16.76 8.49 15.94
CA ILE A 223 -18.13 8.35 16.41
C ILE A 223 -19.09 8.73 15.31
N THR A 224 -18.86 9.88 14.68
CA THR A 224 -19.73 10.31 13.61
C THR A 224 -18.93 10.61 12.35
N PRO A 225 -19.04 9.73 11.34
CA PRO A 225 -18.32 9.92 10.08
C PRO A 225 -19.01 10.96 9.20
N ARG A 226 -18.39 12.12 9.12
CA ARG A 226 -18.88 13.25 8.33
C ARG A 226 -18.28 13.24 6.94
N ASN A 227 -18.79 14.16 6.15
CA ASN A 227 -18.39 14.38 4.78
C ASN A 227 -17.21 13.62 4.17
N PHE A 228 -17.58 12.55 3.46
CA PHE A 228 -16.65 11.78 2.68
C PHE A 228 -15.38 11.25 3.37
N ILE A 229 -14.32 11.31 2.58
CA ILE A 229 -12.97 10.92 2.89
C ILE A 229 -12.42 11.56 4.16
N PHE A 230 -13.07 12.63 4.61
CA PHE A 230 -12.60 13.37 5.77
C PHE A 230 -12.71 12.79 7.15
N ARG A 231 -13.88 12.28 7.52
CA ARG A 231 -14.05 11.64 8.82
C ARG A 231 -14.36 10.19 8.48
N VAL A 232 -13.30 9.40 8.39
CA VAL A 232 -13.42 8.00 8.03
C VAL A 232 -12.78 7.12 9.09
N ARG A 233 -13.08 5.82 9.07
CA ARG A 233 -12.56 4.87 10.04
C ARG A 233 -11.32 4.10 9.61
N GLU A 234 -11.20 3.95 8.30
CA GLU A 234 -10.07 3.26 7.74
C GLU A 234 -9.50 4.25 6.72
N PHE A 235 -8.16 4.35 6.66
CA PHE A 235 -7.47 5.26 5.74
C PHE A 235 -5.97 4.94 5.73
N GLU A 236 -5.18 5.69 4.96
CA GLU A 236 -3.73 5.47 4.90
C GLU A 236 -2.90 6.75 5.14
N GLN A 237 -1.68 6.56 5.66
CA GLN A 237 -0.77 7.66 5.93
C GLN A 237 0.64 7.54 5.36
N MET A 238 1.32 8.67 5.26
CA MET A 238 2.69 8.71 4.79
C MET A 238 3.41 9.48 5.90
N GLU A 239 4.15 8.77 6.73
CA GLU A 239 4.82 9.40 7.84
C GLU A 239 6.32 9.20 7.82
N ILE A 240 7.01 10.12 8.46
CA ILE A 240 8.45 10.11 8.55
C ILE A 240 8.81 10.45 9.96
N GLU A 241 9.83 9.82 10.47
CA GLU A 241 10.29 10.08 11.80
C GLU A 241 11.74 10.43 11.62
N TYR A 242 12.06 11.70 11.77
CA TYR A 242 13.42 12.12 11.58
C TYR A 242 14.14 12.28 12.94
N PHE A 243 15.05 11.37 13.21
CA PHE A 243 15.77 11.40 14.47
C PHE A 243 16.90 12.38 14.43
N VAL A 244 16.88 13.26 15.43
CA VAL A 244 17.82 14.36 15.52
C VAL A 244 18.44 14.52 16.93
N ARG A 245 19.65 15.09 16.99
CA ARG A 245 20.39 15.34 18.26
C ARG A 245 19.72 16.48 19.05
N PRO A 246 19.41 16.27 20.36
CA PRO A 246 18.78 17.30 21.19
C PRO A 246 19.05 18.76 20.83
N GLY A 247 20.29 19.13 20.59
CA GLY A 247 20.50 20.53 20.26
C GLY A 247 19.89 21.10 18.96
N GLU A 248 20.08 20.39 17.84
CA GLU A 248 19.65 20.79 16.49
C GLU A 248 18.16 20.73 16.13
N ASP A 249 17.33 20.34 17.09
CA ASP A 249 15.91 20.18 16.85
C ASP A 249 15.13 21.30 16.18
N GLU A 250 15.32 22.53 16.62
CA GLU A 250 14.58 23.67 16.07
C GLU A 250 14.90 23.94 14.59
N TYR A 251 16.13 23.64 14.19
CA TYR A 251 16.54 23.83 12.80
C TYR A 251 15.81 22.84 11.88
N TRP A 252 15.97 21.56 12.18
CA TRP A 252 15.37 20.52 11.40
C TRP A 252 13.89 20.70 11.22
N HIS A 253 13.22 21.18 12.26
CA HIS A 253 11.79 21.42 12.17
C HIS A 253 11.44 22.39 11.03
N ARG A 254 12.09 23.54 10.93
CA ARG A 254 11.73 24.48 9.85
C ARG A 254 12.17 23.97 8.46
N TYR A 255 13.24 23.15 8.46
CA TYR A 255 13.78 22.55 7.26
C TYR A 255 12.71 21.67 6.63
N TRP A 256 12.17 20.79 7.44
CA TRP A 256 11.12 19.89 7.00
C TRP A 256 9.82 20.58 6.56
N VAL A 257 9.49 21.67 7.25
CA VAL A 257 8.30 22.38 6.90
C VAL A 257 8.42 22.97 5.47
N GLU A 258 9.56 23.59 5.15
CA GLU A 258 9.70 24.16 3.83
C GLU A 258 9.65 23.10 2.76
N GLU A 259 10.32 21.99 3.09
CA GLU A 259 10.43 20.83 2.22
C GLU A 259 9.10 20.21 1.83
N ARG A 260 8.27 19.89 2.82
CA ARG A 260 6.97 19.29 2.56
C ARG A 260 6.07 20.25 1.79
N LEU A 261 6.11 21.52 2.20
CA LEU A 261 5.32 22.61 1.61
C LEU A 261 5.68 22.67 0.15
N LYS A 262 6.98 22.66 -0.08
CA LYS A 262 7.52 22.72 -1.41
C LYS A 262 7.03 21.51 -2.25
N TRP A 263 7.12 20.30 -1.69
CA TRP A 263 6.72 19.09 -2.39
C TRP A 263 5.29 19.16 -2.88
N TRP A 264 4.39 19.50 -1.98
CA TRP A 264 2.99 19.58 -2.34
C TRP A 264 2.73 20.43 -3.58
N GLN A 265 3.50 21.49 -3.75
CA GLN A 265 3.29 22.34 -4.91
C GLN A 265 3.80 21.63 -6.16
N GLU A 266 4.92 20.93 -6.04
CA GLU A 266 5.48 20.20 -7.18
C GLU A 266 4.48 19.18 -7.69
N MET A 267 3.68 18.63 -6.78
CA MET A 267 2.65 17.65 -7.09
C MET A 267 1.47 18.31 -7.81
N GLY A 268 1.45 19.64 -7.84
CA GLY A 268 0.40 20.36 -8.56
C GLY A 268 -0.59 21.23 -7.80
N LEU A 269 -0.45 21.33 -6.49
CA LEU A 269 -1.36 22.17 -5.73
C LEU A 269 -0.82 23.61 -5.77
N SER A 270 -1.72 24.59 -5.94
CA SER A 270 -1.36 26.04 -5.97
C SER A 270 -1.04 26.59 -4.58
N ARG A 271 -0.03 27.47 -4.50
CA ARG A 271 0.37 28.08 -3.23
C ARG A 271 -0.80 28.83 -2.55
N GLU A 272 -1.66 29.44 -3.37
CA GLU A 272 -2.83 30.20 -2.92
C GLU A 272 -3.79 29.38 -2.11
N ASN A 273 -3.79 28.07 -2.37
CA ASN A 273 -4.69 27.16 -1.67
C ASN A 273 -4.05 26.43 -0.50
N LEU A 274 -2.76 26.70 -0.28
CA LEU A 274 -2.09 26.07 0.84
C LEU A 274 -1.99 27.04 1.98
N VAL A 275 -2.17 26.52 3.18
CA VAL A 275 -2.12 27.37 4.34
C VAL A 275 -1.32 26.76 5.48
N PRO A 276 -0.09 27.23 5.68
CA PRO A 276 0.80 26.76 6.75
C PRO A 276 0.39 27.40 8.05
N TYR A 277 -0.33 26.66 8.89
CA TYR A 277 -0.77 27.20 10.18
C TYR A 277 0.14 26.76 11.32
N GLN A 278 0.46 27.67 12.22
CA GLN A 278 1.30 27.34 13.34
C GLN A 278 0.39 27.28 14.55
N GLN A 279 0.39 26.17 15.24
CA GLN A 279 -0.47 26.04 16.40
C GLN A 279 0.00 26.81 17.59
N PRO A 280 -0.95 27.42 18.31
CA PRO A 280 -0.73 28.22 19.52
C PRO A 280 -0.50 27.19 20.65
N PRO A 281 0.36 27.52 21.65
CA PRO A 281 0.68 26.63 22.78
C PRO A 281 -0.47 25.92 23.51
N GLU A 282 -1.69 26.43 23.35
CA GLU A 282 -2.89 25.86 23.95
C GLU A 282 -3.20 24.56 23.22
N SER A 283 -2.98 24.57 21.91
CA SER A 283 -3.23 23.44 21.04
C SER A 283 -2.12 22.38 21.06
N SER A 284 -0.87 22.82 21.24
CA SER A 284 0.30 21.91 21.29
C SER A 284 0.23 20.84 22.39
N ALA A 285 0.09 19.55 22.02
CA ALA A 285 0.06 18.46 23.03
C ALA A 285 1.32 18.58 23.89
N HIS A 286 1.21 18.27 25.18
CA HIS A 286 2.31 18.43 26.13
C HIS A 286 3.78 18.25 25.70
N TYR A 287 4.10 17.21 24.95
CA TYR A 287 5.49 16.93 24.51
C TYR A 287 5.91 17.63 23.20
N ALA A 288 4.94 18.25 22.54
CA ALA A 288 5.16 18.92 21.27
C ALA A 288 5.67 20.35 21.41
N LYS A 289 6.99 20.50 21.42
CA LYS A 289 7.66 21.81 21.53
C LYS A 289 7.16 22.86 20.49
N ALA A 290 6.53 22.41 19.39
CA ALA A 290 5.98 23.25 18.30
C ALA A 290 5.43 22.36 17.19
N THR A 291 4.55 22.90 16.35
CA THR A 291 3.98 22.14 15.24
C THR A 291 3.24 23.00 14.20
N VAL A 292 3.35 22.63 12.92
CA VAL A 292 2.72 23.37 11.84
C VAL A 292 1.87 22.42 11.02
N ASP A 293 0.67 22.86 10.65
CA ASP A 293 -0.25 22.07 9.86
C ASP A 293 -0.34 22.71 8.50
N ILE A 294 -0.43 21.91 7.45
CA ILE A 294 -0.57 22.45 6.11
C ILE A 294 -2.01 22.19 5.75
N LEU A 295 -2.80 23.24 5.55
CA LEU A 295 -4.20 23.03 5.24
C LEU A 295 -4.46 23.30 3.80
N TYR A 296 -5.46 22.63 3.27
CA TYR A 296 -5.83 22.83 1.89
C TYR A 296 -7.21 23.45 1.87
N ARG A 297 -7.35 24.41 0.97
CA ARG A 297 -8.57 25.13 0.74
C ARG A 297 -9.57 24.24 -0.04
N PHE A 298 -10.33 23.37 0.64
CA PHE A 298 -11.32 22.52 -0.06
C PHE A 298 -12.63 23.28 -0.30
N PRO A 299 -13.49 22.80 -1.23
CA PRO A 299 -14.76 23.50 -1.48
C PRO A 299 -15.59 23.72 -0.21
N HIS A 300 -15.63 22.71 0.64
CA HIS A 300 -16.41 22.80 1.87
C HIS A 300 -15.67 23.50 3.02
N GLY A 301 -14.40 23.87 2.80
CA GLY A 301 -13.62 24.52 3.86
C GLY A 301 -12.17 24.04 3.97
N SER A 302 -11.40 24.62 4.88
CA SER A 302 -10.00 24.21 5.05
C SER A 302 -9.89 22.86 5.79
N LEU A 303 -9.18 21.88 5.26
CA LEU A 303 -9.01 20.64 6.01
C LEU A 303 -7.50 20.35 6.02
N GLU A 304 -7.04 19.77 7.11
CA GLU A 304 -5.61 19.47 7.27
C GLU A 304 -5.04 18.42 6.30
N LEU A 305 -3.95 18.72 5.60
CA LEU A 305 -3.33 17.77 4.67
C LEU A 305 -2.21 17.05 5.36
N GLU A 306 -1.28 17.83 5.88
CA GLU A 306 -0.14 17.24 6.54
C GLU A 306 0.19 18.02 7.82
N GLY A 307 0.91 17.38 8.74
CA GLY A 307 1.28 18.01 9.99
C GLY A 307 2.74 17.70 10.28
N ILE A 308 3.54 18.75 10.49
CA ILE A 308 4.96 18.59 10.81
C ILE A 308 5.16 19.01 12.27
N ALA A 309 5.26 18.03 13.15
CA ALA A 309 5.44 18.33 14.57
C ALA A 309 6.86 18.14 14.97
N GLN A 310 7.14 18.47 16.21
CA GLN A 310 8.48 18.36 16.77
C GLN A 310 8.15 17.75 18.12
N ARG A 311 8.47 16.48 18.29
CA ARG A 311 8.11 15.71 19.48
C ARG A 311 9.19 15.43 20.50
N THR A 312 10.28 16.17 20.44
CA THR A 312 11.42 16.00 21.36
C THR A 312 11.78 14.51 21.53
N ASP A 313 12.07 14.08 22.75
CA ASP A 313 12.40 12.67 22.96
C ASP A 313 11.26 11.91 23.62
N PHE A 314 10.04 12.34 23.36
CA PHE A 314 8.90 11.68 23.96
C PHE A 314 8.64 10.27 23.46
N ASP A 315 8.63 10.09 22.14
CA ASP A 315 8.34 8.80 21.59
C ASP A 315 9.40 7.81 21.91
N LEU A 316 10.63 8.07 21.49
CA LEU A 316 11.69 7.13 21.81
C LEU A 316 11.76 6.99 23.31
N GLY A 317 11.54 8.10 24.00
CA GLY A 317 11.57 8.11 25.44
C GLY A 317 10.61 7.13 26.10
N SER A 318 9.32 7.26 25.81
CA SER A 318 8.29 6.40 26.38
C SER A 318 8.46 4.88 26.16
N HIS A 319 9.20 4.46 25.13
CA HIS A 319 9.38 3.04 24.84
C HIS A 319 10.70 2.43 25.26
N THR A 320 11.67 3.22 25.67
CA THR A 320 12.98 2.68 26.03
C THR A 320 13.24 2.11 27.43
N LYS A 321 14.26 1.26 27.50
CA LYS A 321 14.72 0.64 28.75
C LYS A 321 15.80 1.56 29.31
N ASP A 322 16.03 1.49 30.62
CA ASP A 322 17.03 2.31 31.31
C ASP A 322 16.67 3.80 31.23
N GLN A 323 15.37 4.08 31.35
CA GLN A 323 14.84 5.44 31.28
C GLN A 323 15.56 6.53 32.08
N GLU A 324 15.81 6.30 33.37
CA GLU A 324 16.48 7.30 34.22
C GLU A 324 18.00 7.38 34.07
N ALA A 325 18.58 6.49 33.28
CA ALA A 325 20.02 6.54 33.06
C ALA A 325 20.29 7.49 31.88
N LEU A 326 19.31 7.59 30.98
CA LEU A 326 19.36 8.45 29.79
C LEU A 326 18.57 9.69 30.16
N GLY A 327 19.19 10.87 30.10
CA GLY A 327 18.45 12.06 30.48
C GLY A 327 17.28 12.42 29.60
N ILE A 328 16.11 11.81 29.84
CA ILE A 328 14.89 12.07 29.03
C ILE A 328 14.30 13.43 29.40
N THR A 329 14.04 14.28 28.41
CA THR A 329 13.49 15.59 28.73
C THR A 329 11.96 15.65 28.86
N ALA A 330 11.21 14.92 28.04
CA ALA A 330 9.75 14.97 28.16
C ALA A 330 9.23 14.02 29.24
N ARG A 331 8.05 14.29 29.81
CA ARG A 331 7.51 13.42 30.84
C ARG A 331 7.02 12.12 30.20
N VAL A 332 7.55 10.98 30.66
CA VAL A 332 7.19 9.66 30.14
C VAL A 332 6.65 8.76 31.25
N LEU A 333 6.01 7.65 30.91
CA LEU A 333 5.51 6.73 31.93
C LEU A 333 6.66 5.81 32.30
N ARG A 334 6.65 5.31 33.53
CA ARG A 334 7.69 4.37 33.96
C ARG A 334 7.44 3.13 33.05
N ASN A 335 8.47 2.65 32.36
CA ASN A 335 8.30 1.51 31.47
C ASN A 335 8.95 0.30 32.09
N GLU A 336 8.14 -0.62 32.62
CA GLU A 336 8.68 -1.82 33.24
C GLU A 336 8.73 -3.02 32.31
N HIS A 337 8.53 -2.81 31.02
CA HIS A 337 8.52 -3.94 30.07
C HIS A 337 9.51 -4.04 28.92
N SER A 338 9.88 -2.92 28.32
CA SER A 338 10.79 -2.91 27.18
C SER A 338 12.09 -3.71 27.38
N THR A 339 12.42 -4.53 26.39
CA THR A 339 13.62 -5.36 26.42
C THR A 339 14.89 -4.75 25.78
N GLN A 340 14.76 -3.60 25.10
CA GLN A 340 15.90 -2.95 24.43
C GLN A 340 16.04 -1.50 24.83
N ARG A 341 17.23 -0.95 24.66
CA ARG A 341 17.42 0.45 24.95
C ARG A 341 17.35 1.25 23.64
N LEU A 342 16.31 2.04 23.48
CA LEU A 342 16.13 2.85 22.28
C LEU A 342 16.82 4.23 22.42
N ALA A 343 18.14 4.25 22.35
CA ALA A 343 18.87 5.50 22.50
C ALA A 343 20.06 5.45 21.59
N TYR A 344 20.74 6.59 21.47
CA TYR A 344 21.90 6.71 20.61
C TYR A 344 23.12 7.07 21.45
N ARG A 345 24.27 6.59 21.02
CA ARG A 345 25.45 6.87 21.79
C ARG A 345 26.59 7.24 20.88
N ASP A 346 27.54 7.97 21.46
CA ASP A 346 28.77 8.46 20.82
C ASP A 346 28.73 9.88 20.24
N PRO A 347 28.51 10.89 21.08
CA PRO A 347 28.50 12.23 20.49
C PRO A 347 29.96 12.65 20.45
N GLU A 348 30.80 11.83 19.77
CA GLU A 348 32.26 12.00 19.63
C GLU A 348 32.91 11.39 20.90
N THR A 349 32.17 11.46 22.01
CA THR A 349 32.55 10.93 23.31
C THR A 349 31.86 9.56 23.46
N GLY A 350 31.18 9.33 24.58
CA GLY A 350 30.50 8.05 24.74
C GLY A 350 29.12 8.15 25.36
N LYS A 351 28.57 9.36 25.39
CA LYS A 351 27.25 9.60 25.98
C LYS A 351 26.05 8.98 25.26
N TRP A 352 25.18 8.38 26.04
CA TRP A 352 23.97 7.81 25.50
C TRP A 352 22.93 8.90 25.65
N PHE A 353 22.07 9.02 24.67
CA PHE A 353 21.02 10.00 24.78
C PHE A 353 19.88 9.65 23.87
N VAL A 354 18.69 10.08 24.24
CA VAL A 354 17.55 9.80 23.40
C VAL A 354 17.36 10.95 22.42
N PRO A 355 17.39 10.63 21.12
CA PRO A 355 17.22 11.64 20.08
C PRO A 355 15.85 12.30 20.12
N TYR A 356 15.78 13.51 19.55
CA TYR A 356 14.54 14.26 19.43
C TYR A 356 13.99 13.86 18.07
N VAL A 357 12.68 13.95 17.88
CA VAL A 357 12.13 13.53 16.61
C VAL A 357 11.27 14.58 15.93
N ILE A 358 11.52 14.78 14.64
CA ILE A 358 10.71 15.71 13.84
C ILE A 358 9.79 14.75 13.06
N GLU A 359 8.51 15.08 12.97
CA GLU A 359 7.59 14.19 12.29
C GLU A 359 6.56 14.70 11.29
N PRO A 360 6.87 14.58 9.98
CA PRO A 360 5.94 15.01 8.93
C PRO A 360 4.94 13.83 8.76
N SER A 361 3.65 14.11 8.86
CA SER A 361 2.66 13.06 8.69
C SER A 361 1.55 13.51 7.76
N ALA A 362 1.36 12.83 6.63
CA ALA A 362 0.33 13.21 5.68
C ALA A 362 -0.71 12.12 5.54
N GLY A 363 -1.91 12.47 5.08
CA GLY A 363 -2.99 11.51 4.92
C GLY A 363 -3.21 11.30 3.43
N VAL A 364 -2.93 10.08 2.98
CA VAL A 364 -3.05 9.74 1.57
C VAL A 364 -4.35 10.15 0.88
N ASP A 365 -5.47 9.79 1.49
CA ASP A 365 -6.79 10.07 0.95
C ASP A 365 -7.02 11.58 0.81
N ARG A 366 -6.64 12.34 1.83
CA ARG A 366 -6.78 13.79 1.83
C ARG A 366 -6.04 14.31 0.60
N GLY A 367 -4.80 13.86 0.42
CA GLY A 367 -3.98 14.25 -0.72
C GLY A 367 -4.68 13.95 -2.04
N VAL A 368 -5.17 12.72 -2.19
CA VAL A 368 -5.85 12.34 -3.41
C VAL A 368 -7.01 13.31 -3.65
N LEU A 369 -7.79 13.62 -2.61
CA LEU A 369 -8.90 14.56 -2.77
C LEU A 369 -8.46 15.96 -3.14
N ALA A 370 -7.37 16.41 -2.52
CA ALA A 370 -6.83 17.75 -2.79
C ALA A 370 -6.50 17.85 -4.26
N LEU A 371 -5.80 16.85 -4.77
CA LEU A 371 -5.42 16.82 -6.16
C LEU A 371 -6.60 16.86 -7.11
N LEU A 372 -7.64 16.12 -6.77
CA LEU A 372 -8.84 16.06 -7.59
C LEU A 372 -9.53 17.42 -7.55
N ALA A 373 -9.70 17.91 -6.33
CA ALA A 373 -10.34 19.19 -6.07
C ALA A 373 -9.66 20.27 -6.92
N GLU A 374 -8.35 20.37 -6.80
CA GLU A 374 -7.57 21.33 -7.57
C GLU A 374 -7.69 21.19 -9.10
N ALA A 375 -7.58 19.95 -9.57
CA ALA A 375 -7.63 19.64 -10.98
C ALA A 375 -9.00 19.87 -11.60
N PHE A 376 -10.03 19.58 -10.83
CA PHE A 376 -11.38 19.72 -11.33
C PHE A 376 -11.65 21.09 -11.91
N THR A 377 -12.11 21.16 -13.15
CA THR A 377 -12.44 22.46 -13.73
C THR A 377 -13.55 22.28 -14.78
N ARG A 378 -14.51 23.22 -14.86
CA ARG A 378 -15.61 23.18 -15.86
C ARG A 378 -15.33 24.23 -16.96
N GLU A 379 -15.33 23.83 -18.22
CA GLU A 379 -15.02 24.78 -19.28
C GLU A 379 -16.17 25.03 -20.21
N GLU A 380 -16.40 26.28 -20.59
CA GLU A 380 -17.49 26.58 -21.51
C GLU A 380 -16.97 26.40 -22.95
N LEU A 381 -17.75 25.71 -23.79
CA LEU A 381 -17.36 25.44 -25.18
C LEU A 381 -17.97 26.38 -26.23
N PRO A 382 -17.24 26.61 -27.33
CA PRO A 382 -17.70 27.49 -28.40
C PRO A 382 -19.13 27.21 -28.87
N ASN A 383 -19.57 25.96 -28.83
CA ASN A 383 -20.94 25.67 -29.28
C ASN A 383 -22.01 26.03 -28.24
N GLY A 384 -21.60 26.23 -26.99
CA GLY A 384 -22.56 26.59 -25.96
C GLY A 384 -22.54 25.75 -24.70
N GLU A 385 -22.37 24.43 -24.84
CA GLU A 385 -22.31 23.52 -23.69
C GLU A 385 -20.95 23.55 -23.02
N GLU A 386 -20.85 22.89 -21.87
CA GLU A 386 -19.63 22.83 -21.08
C GLU A 386 -19.01 21.41 -21.03
N ARG A 387 -17.83 21.31 -20.41
CA ARG A 387 -17.15 20.03 -20.26
C ARG A 387 -16.42 20.03 -18.92
N ILE A 388 -16.27 18.85 -18.33
CA ILE A 388 -15.54 18.73 -17.08
C ILE A 388 -14.18 18.16 -17.48
N VAL A 389 -13.12 18.78 -16.98
CA VAL A 389 -11.75 18.37 -17.27
C VAL A 389 -10.90 18.28 -16.01
N LEU A 390 -10.38 17.09 -15.71
CA LEU A 390 -9.52 16.96 -14.54
C LEU A 390 -8.14 17.38 -14.99
N LYS A 391 -7.71 18.56 -14.56
CA LYS A 391 -6.40 19.04 -14.94
C LYS A 391 -5.34 18.54 -13.97
N LEU A 392 -5.14 17.23 -13.95
CA LEU A 392 -4.15 16.61 -13.07
C LEU A 392 -2.75 16.73 -13.68
N LYS A 393 -1.72 16.79 -12.84
CA LYS A 393 -0.35 16.86 -13.35
C LYS A 393 -0.17 15.53 -14.11
N PRO A 394 0.28 15.58 -15.37
CA PRO A 394 0.48 14.39 -16.22
C PRO A 394 1.10 13.15 -15.56
N GLN A 395 2.27 13.34 -14.96
CA GLN A 395 2.98 12.26 -14.33
C GLN A 395 2.14 11.53 -13.27
N LEU A 396 1.10 12.17 -12.76
CA LEU A 396 0.24 11.57 -11.76
C LEU A 396 -1.09 11.01 -12.28
N ALA A 397 -1.44 11.33 -13.51
CA ALA A 397 -2.71 10.87 -14.10
C ALA A 397 -2.86 9.36 -14.03
N PRO A 398 -4.05 8.86 -13.66
CA PRO A 398 -4.25 7.40 -13.61
C PRO A 398 -3.90 6.80 -15.01
N ILE A 399 -4.16 7.53 -16.10
CA ILE A 399 -3.80 7.05 -17.46
C ILE A 399 -3.03 8.11 -18.24
N LYS A 400 -1.90 7.74 -18.85
CA LYS A 400 -1.13 8.71 -19.61
C LYS A 400 -1.62 8.86 -21.06
N VAL A 401 -1.75 7.77 -21.79
CA VAL A 401 -2.20 7.89 -23.16
C VAL A 401 -3.32 6.92 -23.41
N ALA A 402 -4.29 7.32 -24.22
CA ALA A 402 -5.38 6.42 -24.57
C ALA A 402 -5.25 6.25 -26.08
N VAL A 403 -5.23 5.00 -26.54
CA VAL A 403 -5.12 4.64 -27.96
C VAL A 403 -6.54 4.21 -28.35
N ILE A 404 -7.16 4.95 -29.24
CA ILE A 404 -8.53 4.67 -29.63
C ILE A 404 -8.75 4.39 -31.11
N PRO A 405 -9.37 3.22 -31.42
CA PRO A 405 -9.66 2.76 -32.78
C PRO A 405 -10.96 3.46 -33.24
N LEU A 406 -10.91 4.04 -34.44
CA LEU A 406 -12.04 4.78 -35.00
C LEU A 406 -13.33 3.97 -35.17
N VAL A 407 -13.19 2.73 -35.66
CA VAL A 407 -14.30 1.81 -35.89
C VAL A 407 -14.09 0.51 -35.11
N LYS A 408 -15.12 0.09 -34.37
CA LYS A 408 -15.10 -1.11 -33.50
C LYS A 408 -15.10 -2.51 -34.10
N ASN A 409 -15.68 -2.67 -35.29
CA ASN A 409 -15.77 -3.98 -35.95
C ASN A 409 -14.50 -4.38 -36.73
N ARG A 410 -13.74 -3.43 -37.25
CA ARG A 410 -12.56 -3.76 -38.01
C ARG A 410 -11.37 -4.36 -37.25
N PRO A 411 -10.97 -5.58 -37.61
CA PRO A 411 -9.88 -6.31 -37.00
C PRO A 411 -8.48 -5.79 -37.31
N GLU A 412 -8.22 -5.35 -38.53
CA GLU A 412 -6.87 -4.84 -38.82
C GLU A 412 -6.63 -3.56 -38.03
N ILE A 413 -7.72 -2.91 -37.65
CA ILE A 413 -7.66 -1.67 -36.86
C ILE A 413 -7.38 -1.96 -35.38
N THR A 414 -8.27 -2.73 -34.73
CA THR A 414 -8.10 -3.07 -33.33
C THR A 414 -6.72 -3.69 -33.11
N GLU A 415 -6.34 -4.60 -33.99
CA GLU A 415 -5.06 -5.29 -33.88
C GLU A 415 -3.86 -4.32 -33.96
N TYR A 416 -4.05 -3.23 -34.67
CA TYR A 416 -2.99 -2.22 -34.85
C TYR A 416 -2.85 -1.38 -33.59
N ALA A 417 -4.03 -0.96 -33.12
CA ALA A 417 -4.20 -0.14 -31.96
C ALA A 417 -3.50 -0.83 -30.80
N LYS A 418 -3.88 -2.09 -30.60
CA LYS A 418 -3.30 -2.89 -29.56
C LYS A 418 -1.78 -3.00 -29.73
N ARG A 419 -1.31 -3.20 -30.96
CA ARG A 419 0.15 -3.29 -31.15
C ARG A 419 0.83 -1.98 -30.79
N LEU A 420 0.13 -0.88 -31.06
CA LEU A 420 0.65 0.44 -30.77
C LEU A 420 0.69 0.77 -29.24
N LYS A 421 -0.41 0.45 -28.55
CA LYS A 421 -0.51 0.67 -27.11
C LYS A 421 0.68 0.04 -26.39
N ALA A 422 1.06 -1.14 -26.84
CA ALA A 422 2.18 -1.85 -26.28
C ALA A 422 3.47 -1.14 -26.59
N ARG A 423 3.63 -0.64 -27.81
CA ARG A 423 4.85 0.06 -28.14
C ARG A 423 5.01 1.27 -27.23
N LEU A 424 3.90 1.94 -26.95
CA LEU A 424 3.91 3.11 -26.09
C LEU A 424 4.14 2.78 -24.63
N LEU A 425 3.54 1.69 -24.17
CA LEU A 425 3.76 1.31 -22.80
C LEU A 425 5.25 1.07 -22.56
N ALA A 426 5.91 0.52 -23.56
CA ALA A 426 7.32 0.22 -23.51
C ALA A 426 8.22 1.42 -23.28
N LEU A 427 7.72 2.62 -23.56
CA LEU A 427 8.52 3.83 -23.36
C LEU A 427 8.78 4.02 -21.89
N GLY A 428 7.90 3.46 -21.08
CA GLY A 428 8.05 3.56 -19.65
C GLY A 428 7.69 4.93 -19.11
N LEU A 429 6.67 5.55 -19.69
CA LEU A 429 6.26 6.87 -19.22
C LEU A 429 4.99 6.80 -18.40
N GLY A 430 4.45 5.60 -18.23
CA GLY A 430 3.22 5.46 -17.46
C GLY A 430 2.20 4.64 -18.21
N ARG A 431 1.11 4.31 -17.54
CA ARG A 431 0.05 3.51 -18.15
C ARG A 431 -0.53 4.05 -19.47
N VAL A 432 -0.53 3.21 -20.50
CA VAL A 432 -1.12 3.52 -21.80
C VAL A 432 -2.32 2.56 -21.78
N LEU A 433 -3.46 3.00 -22.27
CA LEU A 433 -4.65 2.15 -22.24
C LEU A 433 -5.32 1.97 -23.61
N TYR A 434 -5.67 0.74 -23.99
CA TYR A 434 -6.35 0.51 -25.27
C TYR A 434 -7.85 0.66 -24.96
N GLU A 435 -8.51 1.60 -25.62
CA GLU A 435 -9.93 1.88 -25.40
C GLU A 435 -10.82 1.35 -26.53
N ASP A 436 -11.73 0.44 -26.20
CA ASP A 436 -12.63 -0.12 -27.22
C ASP A 436 -14.11 0.32 -27.11
N THR A 437 -14.40 1.32 -26.27
CA THR A 437 -15.78 1.80 -26.10
C THR A 437 -16.35 2.50 -27.33
N GLY A 438 -17.63 2.22 -27.58
CA GLY A 438 -18.32 2.80 -28.72
C GLY A 438 -18.39 4.31 -28.64
N ASN A 439 -18.40 4.92 -29.83
CA ASN A 439 -18.48 6.37 -29.99
C ASN A 439 -17.19 7.11 -29.61
N ILE A 440 -16.51 7.61 -30.65
CA ILE A 440 -15.26 8.36 -30.50
C ILE A 440 -15.52 9.63 -29.68
N GLY A 441 -16.78 10.08 -29.66
CA GLY A 441 -17.15 11.26 -28.91
C GLY A 441 -17.23 10.98 -27.43
N LYS A 442 -17.86 9.85 -27.06
CA LYS A 442 -17.99 9.45 -25.65
C LYS A 442 -16.60 9.25 -25.04
N ALA A 443 -15.71 8.64 -25.82
CA ALA A 443 -14.36 8.39 -25.34
C ALA A 443 -13.68 9.68 -24.90
N TYR A 444 -13.63 10.66 -25.80
CA TYR A 444 -13.01 11.95 -25.50
C TYR A 444 -13.58 12.53 -24.19
N ARG A 445 -14.88 12.44 -24.02
CA ARG A 445 -15.54 12.94 -22.83
C ARG A 445 -15.06 12.19 -21.56
N ARG A 446 -15.18 10.86 -21.60
CA ARG A 446 -14.78 9.99 -20.50
C ARG A 446 -13.36 10.30 -20.04
N HIS A 447 -12.47 10.53 -21.00
CA HIS A 447 -11.09 10.80 -20.69
C HIS A 447 -10.76 12.13 -20.09
N ASP A 448 -11.40 13.18 -20.56
CA ASP A 448 -11.15 14.49 -19.99
C ASP A 448 -11.65 14.45 -18.56
N GLU A 449 -12.72 13.74 -18.32
CA GLU A 449 -13.25 13.66 -16.98
C GLU A 449 -12.32 12.96 -16.00
N VAL A 450 -11.55 11.98 -16.47
CA VAL A 450 -10.61 11.23 -15.60
C VAL A 450 -9.19 11.77 -15.74
N GLY A 451 -9.09 12.91 -16.40
CA GLY A 451 -7.83 13.59 -16.58
C GLY A 451 -6.70 13.00 -17.39
N THR A 452 -6.96 12.15 -18.37
CA THR A 452 -5.82 11.61 -19.09
C THR A 452 -5.34 12.63 -20.15
N PRO A 453 -4.07 13.05 -20.08
CA PRO A 453 -3.40 14.02 -20.95
C PRO A 453 -3.42 13.91 -22.46
N PHE A 454 -3.34 12.69 -23.01
CA PHE A 454 -3.34 12.51 -24.46
C PHE A 454 -4.19 11.37 -24.97
N ALA A 455 -4.72 11.54 -26.19
CA ALA A 455 -5.53 10.52 -26.82
C ALA A 455 -5.09 10.39 -28.25
N VAL A 456 -4.60 9.21 -28.58
CA VAL A 456 -4.17 8.91 -29.92
C VAL A 456 -5.29 8.11 -30.53
N THR A 457 -5.61 8.42 -31.77
CA THR A 457 -6.68 7.72 -32.41
C THR A 457 -6.22 7.14 -33.77
N VAL A 458 -6.64 5.90 -34.03
CA VAL A 458 -6.26 5.14 -35.24
C VAL A 458 -7.43 4.93 -36.19
N ASP A 459 -7.19 5.23 -37.47
CA ASP A 459 -8.18 5.09 -38.54
C ASP A 459 -7.59 4.39 -39.79
N TYR A 460 -8.41 4.19 -40.83
CA TYR A 460 -7.98 3.52 -42.06
C TYR A 460 -6.70 4.04 -42.68
N ASP A 461 -6.46 5.32 -42.56
CA ASP A 461 -5.27 5.91 -43.14
C ASP A 461 -4.06 5.45 -42.37
N THR A 462 -4.23 5.33 -41.05
CA THR A 462 -3.16 4.90 -40.17
C THR A 462 -2.67 3.56 -40.68
N ILE A 463 -3.61 2.64 -40.93
CA ILE A 463 -3.36 1.27 -41.44
C ILE A 463 -2.63 1.37 -42.77
N GLY A 464 -3.34 1.88 -43.76
CA GLY A 464 -2.77 2.01 -45.08
C GLY A 464 -3.89 1.92 -46.09
N GLN A 465 -5.14 1.81 -45.62
CA GLN A 465 -6.29 1.74 -46.52
C GLN A 465 -6.91 3.12 -46.89
N SER A 466 -6.08 4.00 -47.44
CA SER A 466 -6.51 5.33 -47.86
C SER A 466 -7.40 5.09 -49.08
N LYS A 467 -8.64 5.58 -49.04
CA LYS A 467 -9.58 5.41 -50.17
C LYS A 467 -9.06 5.93 -51.52
N ASP A 468 -8.05 6.79 -51.48
CA ASP A 468 -7.48 7.34 -52.70
C ASP A 468 -6.40 6.42 -53.27
N GLY A 469 -5.83 5.57 -52.43
CA GLY A 469 -4.80 4.66 -52.91
C GLY A 469 -3.37 4.93 -52.48
N THR A 470 -3.06 6.14 -52.00
CA THR A 470 -1.68 6.39 -51.58
C THR A 470 -1.51 5.82 -50.19
N THR A 471 -0.25 5.82 -49.78
CA THR A 471 0.16 5.33 -48.48
C THR A 471 1.01 6.40 -47.80
N ARG A 472 0.87 7.65 -48.24
CA ARG A 472 1.66 8.71 -47.63
C ARG A 472 1.25 8.80 -46.17
N LEU A 473 0.01 8.45 -45.86
CA LEU A 473 -0.52 8.51 -44.50
C LEU A 473 -0.44 7.27 -43.58
N LYS A 474 0.19 6.21 -44.09
CA LYS A 474 0.34 4.97 -43.34
C LYS A 474 1.18 5.34 -42.12
N ASP A 475 0.84 4.78 -40.97
CA ASP A 475 1.55 4.98 -39.70
C ASP A 475 1.51 6.41 -39.09
N THR A 476 0.42 7.14 -39.31
CA THR A 476 0.32 8.44 -38.69
C THR A 476 -0.97 8.37 -37.94
N VAL A 477 -1.02 9.03 -36.79
CA VAL A 477 -2.23 9.03 -35.97
C VAL A 477 -2.51 10.42 -35.47
N THR A 478 -3.76 10.63 -35.08
CA THR A 478 -4.14 11.92 -34.53
C THR A 478 -4.04 11.86 -33.01
N VAL A 479 -3.42 12.87 -32.42
CA VAL A 479 -3.27 12.93 -30.99
C VAL A 479 -3.92 14.21 -30.43
N ARG A 480 -4.92 14.03 -29.57
CA ARG A 480 -5.68 15.13 -29.00
C ARG A 480 -5.26 15.51 -27.60
N ASP A 481 -4.76 16.73 -27.47
CA ASP A 481 -4.32 17.28 -26.20
C ASP A 481 -5.53 17.46 -25.24
N ARG A 482 -5.41 17.01 -24.00
CA ARG A 482 -6.51 17.09 -23.05
C ARG A 482 -6.91 18.54 -22.80
N ASP A 483 -5.93 19.34 -22.40
CA ASP A 483 -6.11 20.76 -22.09
C ASP A 483 -6.54 21.62 -23.31
N THR A 484 -5.61 21.86 -24.24
CA THR A 484 -5.91 22.66 -25.43
C THR A 484 -6.96 22.07 -26.34
N MET A 485 -7.18 20.76 -26.31
CA MET A 485 -8.13 20.11 -27.20
C MET A 485 -7.63 20.09 -28.66
N GLU A 486 -6.42 20.57 -28.88
CA GLU A 486 -5.83 20.61 -30.19
C GLU A 486 -5.47 19.19 -30.65
N GLN A 487 -5.76 18.90 -31.92
CA GLN A 487 -5.45 17.61 -32.51
C GLN A 487 -4.49 17.85 -33.62
N ILE A 488 -3.43 17.06 -33.66
CA ILE A 488 -2.43 17.17 -34.71
C ILE A 488 -2.21 15.75 -35.17
N ARG A 489 -1.90 15.56 -36.44
CA ARG A 489 -1.65 14.20 -36.88
C ARG A 489 -0.18 14.09 -37.16
N LEU A 490 0.45 13.14 -36.47
CA LEU A 490 1.87 12.94 -36.69
C LEU A 490 2.21 11.47 -36.87
N HIS A 491 3.40 11.28 -37.40
CA HIS A 491 3.89 9.95 -37.64
C HIS A 491 4.29 9.39 -36.30
N VAL A 492 4.12 8.08 -36.21
CA VAL A 492 4.42 7.37 -35.00
C VAL A 492 5.81 7.58 -34.39
N ASP A 493 6.86 7.54 -35.20
CA ASP A 493 8.21 7.71 -34.64
C ASP A 493 8.44 9.03 -33.93
N GLU A 494 7.72 10.07 -34.34
CA GLU A 494 7.84 11.41 -33.75
C GLU A 494 7.04 11.44 -32.46
N LEU A 495 5.93 10.72 -32.49
CA LEU A 495 5.04 10.58 -31.36
C LEU A 495 5.80 10.20 -30.08
N GLU A 496 6.82 9.36 -30.20
CA GLU A 496 7.62 8.94 -29.04
C GLU A 496 8.27 10.15 -28.39
N GLY A 497 9.04 10.89 -29.19
CA GLY A 497 9.75 12.07 -28.69
C GLY A 497 8.81 13.12 -28.14
N PHE A 498 7.63 13.20 -28.76
CA PHE A 498 6.60 14.12 -28.35
C PHE A 498 6.24 13.80 -26.93
N LEU A 499 5.94 12.53 -26.69
CA LEU A 499 5.55 12.04 -25.35
C LEU A 499 6.65 12.14 -24.29
N ARG A 500 7.89 11.81 -24.65
CA ARG A 500 8.99 11.90 -23.68
C ARG A 500 9.01 13.31 -23.18
N GLU A 501 9.01 14.26 -24.12
CA GLU A 501 9.03 15.67 -23.84
C GLU A 501 8.03 16.09 -22.81
N ARG A 502 6.79 15.69 -23.03
CA ARG A 502 5.70 16.06 -22.16
C ARG A 502 5.43 15.21 -20.91
N LEU A 503 5.82 13.95 -20.93
CA LEU A 503 5.52 13.07 -19.81
C LEU A 503 6.64 12.74 -18.85
N ARG A 504 7.88 13.04 -19.21
CA ARG A 504 8.96 12.72 -18.30
C ARG A 504 8.92 13.63 -17.06
N TRP A 505 9.52 13.12 -15.97
CA TRP A 505 9.57 13.81 -14.69
C TRP A 505 10.59 14.94 -14.66
N ALA B 1 20.56 -22.06 -3.68
CA ALA B 1 19.37 -22.36 -2.83
C ALA B 1 19.80 -22.48 -1.35
N ALA B 2 18.86 -22.26 -0.43
CA ALA B 2 19.13 -22.34 1.01
C ALA B 2 18.82 -23.70 1.59
N SER B 3 19.61 -24.12 2.56
CA SER B 3 19.41 -25.43 3.17
C SER B 3 18.52 -25.49 4.42
N SER B 4 18.50 -24.45 5.24
CA SER B 4 17.67 -24.50 6.45
C SER B 4 16.69 -23.33 6.56
N LEU B 5 15.61 -23.52 7.29
CA LEU B 5 14.64 -22.44 7.47
C LEU B 5 15.22 -21.35 8.40
N ASP B 6 16.04 -21.76 9.35
CA ASP B 6 16.63 -20.81 10.29
C ASP B 6 17.71 -19.93 9.73
N GLU B 7 18.41 -20.41 8.71
CA GLU B 7 19.47 -19.64 8.03
C GLU B 7 18.82 -18.35 7.55
N LEU B 8 17.62 -18.51 6.96
CA LEU B 8 16.81 -17.41 6.44
C LEU B 8 16.30 -16.50 7.56
N VAL B 9 15.54 -17.07 8.50
CA VAL B 9 15.02 -16.30 9.61
C VAL B 9 16.14 -15.44 10.20
N ALA B 10 17.33 -16.02 10.31
CA ALA B 10 18.53 -15.34 10.82
C ALA B 10 18.96 -14.18 9.92
N LEU B 11 19.14 -14.44 8.62
CA LEU B 11 19.53 -13.39 7.68
C LEU B 11 18.47 -12.28 7.64
N CYS B 12 17.21 -12.70 7.52
CA CYS B 12 16.12 -11.78 7.51
C CYS B 12 16.17 -10.82 8.66
N LYS B 13 16.47 -11.32 9.85
CA LYS B 13 16.54 -10.44 11.00
C LYS B 13 17.86 -9.70 10.96
N ARG B 14 18.93 -10.40 10.66
CA ARG B 14 20.25 -9.77 10.64
C ARG B 14 20.46 -8.60 9.68
N ARG B 15 19.89 -8.69 8.47
CA ARG B 15 20.09 -7.63 7.52
C ARG B 15 18.92 -6.67 7.30
N GLY B 16 17.86 -6.83 8.08
CA GLY B 16 16.74 -5.92 7.96
C GLY B 16 15.70 -6.15 6.89
N PHE B 17 15.27 -7.38 6.78
CA PHE B 17 14.26 -7.76 5.81
C PHE B 17 12.96 -7.92 6.59
N ILE B 18 13.01 -8.74 7.64
CA ILE B 18 11.84 -8.99 8.47
C ILE B 18 12.21 -9.04 9.96
N PHE B 19 11.30 -8.51 10.81
CA PHE B 19 11.45 -8.44 12.27
C PHE B 19 10.19 -8.92 12.93
N GLN B 20 10.30 -9.44 14.16
CA GLN B 20 9.12 -9.91 14.89
C GLN B 20 8.32 -8.66 15.29
N SER B 21 7.08 -8.52 14.82
CA SER B 21 6.29 -7.35 15.21
C SER B 21 6.20 -7.25 16.73
N SER B 22 6.37 -6.03 17.25
CA SER B 22 6.33 -5.75 18.71
C SER B 22 7.42 -6.43 19.55
N GLU B 23 8.54 -6.80 18.92
CA GLU B 23 9.62 -7.50 19.62
C GLU B 23 9.99 -7.03 21.04
N ILE B 24 10.15 -5.72 21.23
CA ILE B 24 10.56 -5.19 22.54
C ILE B 24 9.63 -5.49 23.70
N TYR B 25 8.38 -5.85 23.42
CA TYR B 25 7.45 -6.17 24.48
C TYR B 25 7.08 -7.68 24.48
N GLY B 26 7.97 -8.50 23.91
CA GLY B 26 7.71 -9.93 23.85
C GLY B 26 7.17 -10.45 22.52
N GLY B 27 6.95 -9.55 21.57
CA GLY B 27 6.43 -9.95 20.28
C GLY B 27 4.94 -10.23 20.32
N LEU B 28 4.28 -10.00 19.19
CA LEU B 28 2.85 -10.27 19.07
C LEU B 28 2.80 -11.47 18.17
N GLN B 29 3.52 -12.50 18.59
CA GLN B 29 3.64 -13.79 17.92
C GLN B 29 2.59 -14.04 16.81
N GLY B 30 3.09 -14.23 15.59
CA GLY B 30 2.19 -14.46 14.47
C GLY B 30 2.08 -13.28 13.52
N VAL B 31 2.59 -12.11 13.94
CA VAL B 31 2.60 -10.93 13.09
C VAL B 31 4.05 -10.45 13.05
N TYR B 32 4.50 -10.09 11.86
CA TYR B 32 5.87 -9.63 11.62
C TYR B 32 5.87 -8.24 10.97
N ASP B 33 7.04 -7.61 10.89
CA ASP B 33 7.20 -6.28 10.31
C ASP B 33 8.31 -6.31 9.24
N TYR B 34 8.16 -5.56 8.16
CA TYR B 34 9.18 -5.51 7.11
C TYR B 34 10.17 -4.34 7.22
N GLY B 35 11.46 -4.67 7.33
CA GLY B 35 12.49 -3.66 7.47
C GLY B 35 12.88 -2.99 6.17
N PRO B 36 13.84 -2.06 6.21
CA PRO B 36 14.34 -1.32 5.05
C PRO B 36 14.47 -2.17 3.81
N LEU B 37 15.22 -3.25 3.93
CA LEU B 37 15.44 -4.13 2.81
C LEU B 37 14.23 -4.94 2.42
N GLY B 38 13.41 -5.31 3.39
CA GLY B 38 12.20 -6.07 3.16
C GLY B 38 11.15 -5.30 2.39
N VAL B 39 10.85 -4.08 2.83
CA VAL B 39 9.84 -3.25 2.15
C VAL B 39 10.15 -3.15 0.68
N GLU B 40 11.42 -2.89 0.38
CA GLU B 40 11.88 -2.78 -0.98
C GLU B 40 11.57 -4.02 -1.82
N LEU B 41 12.11 -5.16 -1.42
CA LEU B 41 11.85 -6.40 -2.15
C LEU B 41 10.34 -6.66 -2.26
N LYS B 42 9.62 -6.55 -1.14
CA LYS B 42 8.20 -6.78 -1.15
C LYS B 42 7.51 -5.91 -2.21
N ASN B 43 7.76 -4.60 -2.17
CA ASN B 43 7.15 -3.68 -3.11
C ASN B 43 7.54 -4.00 -4.52
N ASN B 44 8.81 -4.31 -4.72
CA ASN B 44 9.29 -4.65 -6.05
C ASN B 44 8.51 -5.81 -6.65
N LEU B 45 8.15 -6.76 -5.81
CA LEU B 45 7.40 -7.91 -6.28
C LEU B 45 5.96 -7.51 -6.60
N LYS B 46 5.34 -6.73 -5.71
CA LYS B 46 3.97 -6.30 -5.93
C LYS B 46 3.85 -5.55 -7.25
N GLN B 47 4.80 -4.66 -7.49
CA GLN B 47 4.80 -3.84 -8.70
C GLN B 47 4.92 -4.62 -9.96
N ALA B 48 5.90 -5.53 -9.99
CA ALA B 48 6.14 -6.38 -11.14
C ALA B 48 4.85 -7.17 -11.42
N TRP B 49 4.14 -7.55 -10.37
CA TRP B 49 2.89 -8.28 -10.52
C TRP B 49 1.80 -7.37 -11.11
N TRP B 50 1.71 -6.14 -10.63
CA TRP B 50 0.70 -5.19 -11.13
C TRP B 50 0.96 -4.80 -12.59
N ARG B 51 2.22 -4.53 -12.90
CA ARG B 51 2.60 -4.15 -14.24
C ARG B 51 2.14 -5.25 -15.20
N ARG B 52 2.48 -6.49 -14.86
CA ARG B 52 2.13 -7.67 -15.64
C ARG B 52 0.62 -7.92 -15.82
N ASN B 53 -0.14 -7.97 -14.73
CA ASN B 53 -1.54 -8.29 -14.89
C ASN B 53 -2.50 -7.16 -15.19
N VAL B 54 -2.06 -5.92 -15.01
CA VAL B 54 -2.97 -4.79 -15.29
C VAL B 54 -2.54 -3.97 -16.50
N TYR B 55 -1.32 -3.47 -16.43
CA TYR B 55 -0.80 -2.63 -17.50
C TYR B 55 -0.62 -3.40 -18.79
N GLU B 56 0.05 -4.53 -18.69
CA GLU B 56 0.32 -5.30 -19.87
C GLU B 56 -0.86 -6.03 -20.49
N ARG B 57 -1.97 -6.09 -19.78
CA ARG B 57 -3.15 -6.75 -20.33
C ARG B 57 -4.16 -5.70 -20.74
N ASP B 58 -5.22 -6.12 -21.46
CA ASP B 58 -6.26 -5.20 -21.90
C ASP B 58 -7.63 -5.57 -21.42
N ASP B 59 -7.70 -6.54 -20.51
CA ASP B 59 -8.99 -7.02 -19.98
C ASP B 59 -9.01 -6.95 -18.46
N MET B 60 -8.10 -6.17 -17.90
CA MET B 60 -8.01 -6.04 -16.44
C MET B 60 -8.22 -4.67 -15.84
N GLU B 61 -9.09 -4.62 -14.83
CA GLU B 61 -9.40 -3.41 -14.10
C GLU B 61 -8.82 -3.58 -12.69
N GLY B 62 -8.23 -2.53 -12.12
CA GLY B 62 -7.63 -2.65 -10.78
C GLY B 62 -8.53 -2.24 -9.61
N LEU B 63 -8.19 -2.61 -8.38
CA LEU B 63 -9.03 -2.26 -7.25
C LEU B 63 -8.32 -2.22 -5.91
N ASP B 64 -8.88 -1.47 -4.96
CA ASP B 64 -8.35 -1.38 -3.58
C ASP B 64 -9.47 -1.15 -2.55
N ALA B 65 -10.01 -2.25 -2.04
CA ALA B 65 -11.10 -2.24 -1.07
C ALA B 65 -10.59 -2.26 0.35
N SER B 66 -11.47 -1.83 1.28
CA SER B 66 -11.16 -1.73 2.70
C SER B 66 -11.12 -3.05 3.43
N VAL B 67 -10.46 -3.04 4.58
CA VAL B 67 -10.29 -4.21 5.42
C VAL B 67 -11.53 -4.42 6.25
N LEU B 68 -12.15 -3.32 6.66
CA LEU B 68 -13.34 -3.41 7.46
C LEU B 68 -14.49 -3.88 6.61
N THR B 69 -14.93 -5.09 6.93
CA THR B 69 -15.97 -5.72 6.19
C THR B 69 -17.25 -5.79 6.98
N HIS B 70 -18.33 -5.44 6.31
CA HIS B 70 -19.65 -5.48 6.89
C HIS B 70 -19.96 -6.97 7.18
N ARG B 71 -20.56 -7.21 8.35
CA ARG B 71 -21.01 -8.53 8.85
C ARG B 71 -21.67 -9.38 7.76
N LEU B 72 -22.65 -8.79 7.09
CA LEU B 72 -23.41 -9.43 6.02
C LEU B 72 -22.61 -10.02 4.85
N VAL B 73 -21.60 -9.30 4.37
CA VAL B 73 -20.79 -9.77 3.27
C VAL B 73 -20.32 -11.17 3.57
N LEU B 74 -19.74 -11.30 4.76
CA LEU B 74 -19.18 -12.57 5.24
C LEU B 74 -20.21 -13.59 5.67
N HIS B 75 -21.47 -13.19 5.77
CA HIS B 75 -22.52 -14.15 6.09
C HIS B 75 -22.82 -14.88 4.78
N TYR B 76 -23.22 -14.09 3.77
CA TYR B 76 -23.57 -14.57 2.44
C TYR B 76 -22.45 -15.21 1.65
N SER B 77 -21.20 -15.06 2.07
CA SER B 77 -20.08 -15.70 1.37
C SER B 77 -19.79 -17.07 1.97
N GLY B 78 -20.50 -17.38 3.05
CA GLY B 78 -20.32 -18.67 3.72
C GLY B 78 -19.40 -18.70 4.92
N HIS B 79 -18.42 -17.80 4.97
CA HIS B 79 -17.45 -17.75 6.07
C HIS B 79 -18.03 -17.84 7.49
N GLU B 80 -19.08 -17.05 7.75
CA GLU B 80 -19.72 -16.97 9.07
C GLU B 80 -20.15 -18.32 9.58
N ALA B 81 -20.75 -19.09 8.67
CA ALA B 81 -21.23 -20.43 8.97
C ALA B 81 -20.13 -21.51 9.19
N THR B 82 -19.02 -21.47 8.44
CA THR B 82 -17.91 -22.44 8.60
C THR B 82 -17.42 -22.60 10.06
N PHE B 83 -17.71 -21.59 10.90
CA PHE B 83 -17.28 -21.56 12.32
C PHE B 83 -18.37 -21.34 13.39
N ALA B 84 -19.64 -21.51 13.03
CA ALA B 84 -20.74 -21.38 13.99
C ALA B 84 -20.94 -22.81 14.53
N ASP B 85 -19.86 -23.36 15.12
CA ASP B 85 -19.78 -24.74 15.63
C ASP B 85 -19.27 -25.00 17.08
N PRO B 86 -20.17 -25.04 18.06
CA PRO B 86 -19.69 -25.29 19.43
C PRO B 86 -18.84 -26.55 19.60
N MET B 87 -17.52 -26.37 19.60
CA MET B 87 -16.60 -27.49 19.80
C MET B 87 -16.30 -27.60 21.27
N VAL B 88 -16.68 -28.73 21.84
CA VAL B 88 -16.46 -29.02 23.25
C VAL B 88 -15.35 -30.10 23.27
N ASP B 89 -14.11 -29.71 23.59
CA ASP B 89 -12.94 -30.63 23.66
C ASP B 89 -12.98 -31.53 24.95
N TRP B 159 -13.22 -32.00 30.40
CA TRP B 159 -14.07 -31.12 29.53
C TRP B 159 -13.71 -29.56 29.52
N THR B 160 -13.27 -29.01 28.37
CA THR B 160 -12.94 -27.57 28.21
C THR B 160 -14.30 -26.87 27.90
N PRO B 161 -14.40 -25.55 28.07
CA PRO B 161 -15.73 -24.98 27.77
C PRO B 161 -16.20 -24.99 26.29
N PRO B 162 -17.53 -24.89 26.09
CA PRO B 162 -18.27 -24.86 24.81
C PRO B 162 -18.00 -23.57 24.05
N ARG B 163 -16.95 -23.60 23.25
CA ARG B 163 -16.48 -22.47 22.46
C ARG B 163 -17.06 -22.36 21.04
N TYR B 164 -16.47 -21.48 20.23
CA TYR B 164 -16.77 -21.25 18.81
C TYR B 164 -15.37 -21.11 18.31
N PHE B 165 -14.91 -22.01 17.49
CA PHE B 165 -13.54 -21.83 17.06
C PHE B 165 -13.50 -21.15 15.71
N ASN B 166 -13.92 -19.88 15.76
CA ASN B 166 -13.99 -18.95 14.63
C ASN B 166 -12.62 -18.40 14.25
N MET B 167 -12.33 -18.43 12.95
CA MET B 167 -11.05 -17.98 12.41
C MET B 167 -10.95 -16.54 11.89
N MET B 168 -11.91 -15.69 12.21
CA MET B 168 -11.90 -14.30 11.75
C MET B 168 -11.81 -13.29 12.89
N PHE B 169 -11.03 -12.23 12.68
CA PHE B 169 -10.95 -11.19 13.68
C PHE B 169 -12.18 -10.38 13.45
N GLN B 170 -12.73 -9.85 14.51
CA GLN B 170 -13.90 -9.04 14.32
C GLN B 170 -13.93 -7.95 15.35
N ASP B 171 -14.75 -6.96 15.10
CA ASP B 171 -14.75 -5.86 15.98
C ASP B 171 -16.04 -5.12 15.73
N LEU B 172 -16.46 -4.31 16.69
CA LEU B 172 -17.75 -3.60 16.55
C LEU B 172 -17.58 -2.09 16.26
N ARG B 173 -18.35 -1.58 15.29
CA ARG B 173 -18.35 -0.18 14.87
C ARG B 173 -18.99 0.92 15.78
N GLY B 174 -18.15 1.79 16.32
CA GLY B 174 -18.62 2.90 17.14
C GLY B 174 -19.17 2.68 18.53
N PRO B 175 -20.27 3.40 18.85
CA PRO B 175 -21.03 3.43 20.12
C PRO B 175 -21.16 2.14 20.95
N ARG B 176 -21.94 1.16 20.53
CA ARG B 176 -22.11 -0.06 21.34
C ARG B 176 -21.81 -1.43 20.73
N GLY B 177 -21.57 -2.41 21.60
CA GLY B 177 -21.33 -3.76 21.14
C GLY B 177 -22.59 -4.44 20.59
N GLY B 178 -23.57 -3.67 20.07
CA GLY B 178 -24.81 -4.21 19.52
C GLY B 178 -24.56 -5.11 18.32
N ARG B 179 -25.35 -6.18 18.16
CA ARG B 179 -25.18 -7.14 17.05
C ARG B 179 -25.21 -6.50 15.68
N GLY B 180 -25.99 -5.44 15.53
CA GLY B 180 -26.07 -4.74 14.26
C GLY B 180 -24.88 -3.82 14.01
N LEU B 181 -23.98 -3.75 14.99
CA LEU B 181 -22.79 -2.90 14.90
C LEU B 181 -21.50 -3.74 14.79
N LEU B 182 -21.64 -5.02 14.49
CA LEU B 182 -20.49 -5.92 14.35
C LEU B 182 -19.84 -5.89 12.98
N ALA B 183 -18.52 -5.92 12.95
CA ALA B 183 -17.81 -5.89 11.68
C ALA B 183 -16.63 -6.81 11.70
N TYR B 184 -16.09 -7.09 10.54
CA TYR B 184 -14.95 -7.98 10.51
C TYR B 184 -13.77 -7.43 9.80
N LEU B 185 -12.63 -8.00 10.15
CA LEU B 185 -11.40 -7.66 9.47
C LEU B 185 -11.40 -8.77 8.43
N ARG B 186 -11.68 -8.41 7.17
CA ARG B 186 -11.70 -9.37 6.09
C ARG B 186 -10.57 -10.41 6.16
N PRO B 187 -10.92 -11.68 5.98
CA PRO B 187 -9.99 -12.81 6.02
C PRO B 187 -9.42 -13.13 4.65
N GLU B 188 -9.91 -12.41 3.66
CA GLU B 188 -9.49 -12.52 2.25
C GLU B 188 -9.94 -11.27 1.51
N THR B 189 -9.18 -10.92 0.48
CA THR B 189 -9.41 -9.76 -0.36
C THR B 189 -10.58 -9.88 -1.38
N ALA B 190 -10.84 -11.09 -1.86
CA ALA B 190 -11.88 -11.35 -2.85
C ALA B 190 -13.28 -10.76 -2.68
N GLN B 191 -13.83 -10.83 -1.47
CA GLN B 191 -15.17 -10.31 -1.26
C GLN B 191 -15.29 -8.84 -1.68
N GLY B 192 -14.23 -8.09 -1.45
CA GLY B 192 -14.24 -6.70 -1.83
C GLY B 192 -14.47 -6.60 -3.32
N ILE B 193 -13.86 -7.52 -4.07
CA ILE B 193 -14.00 -7.53 -5.52
C ILE B 193 -15.43 -7.88 -5.91
N PHE B 194 -15.90 -9.02 -5.43
CA PHE B 194 -17.27 -9.47 -5.76
C PHE B 194 -18.38 -8.46 -5.54
N VAL B 195 -18.39 -7.81 -4.38
CA VAL B 195 -19.44 -6.84 -4.08
C VAL B 195 -19.41 -5.59 -4.97
N ASN B 196 -18.32 -5.41 -5.69
CA ASN B 196 -18.26 -4.23 -6.51
C ASN B 196 -18.38 -4.48 -7.96
N PHE B 197 -18.69 -5.72 -8.30
CA PHE B 197 -18.83 -6.12 -9.69
C PHE B 197 -19.68 -5.14 -10.50
N LYS B 198 -20.93 -4.96 -10.07
CA LYS B 198 -21.86 -4.06 -10.75
C LYS B 198 -21.23 -2.69 -10.89
N ASN B 199 -20.71 -2.21 -9.77
CA ASN B 199 -20.05 -0.91 -9.70
C ASN B 199 -18.97 -0.72 -10.76
N VAL B 200 -18.01 -1.63 -10.78
CA VAL B 200 -16.92 -1.60 -11.74
C VAL B 200 -17.47 -1.71 -13.15
N LEU B 201 -18.44 -2.59 -13.31
CA LEU B 201 -19.04 -2.81 -14.59
C LEU B 201 -19.62 -1.52 -15.17
N ASP B 202 -20.47 -0.88 -14.37
CA ASP B 202 -21.14 0.36 -14.77
C ASP B 202 -20.13 1.40 -15.21
N ALA B 203 -19.20 1.73 -14.31
CA ALA B 203 -18.18 2.75 -14.55
C ALA B 203 -17.19 2.53 -15.67
N THR B 204 -16.87 1.29 -16.00
CA THR B 204 -15.91 1.04 -17.06
C THR B 204 -16.55 0.60 -18.38
N SER B 205 -17.79 0.11 -18.36
CA SER B 205 -18.48 -0.36 -19.59
C SER B 205 -17.74 -1.54 -20.21
N ARG B 206 -17.24 -2.42 -19.36
CA ARG B 206 -16.48 -3.59 -19.79
C ARG B 206 -17.32 -4.69 -20.41
N LYS B 207 -16.71 -5.42 -21.35
CA LYS B 207 -17.39 -6.53 -21.99
C LYS B 207 -16.76 -7.80 -21.39
N LEU B 208 -17.43 -8.94 -21.51
CA LEU B 208 -16.90 -10.17 -20.93
C LEU B 208 -15.63 -10.78 -21.53
N GLY B 209 -14.87 -11.37 -20.63
CA GLY B 209 -13.58 -11.91 -20.95
C GLY B 209 -12.87 -10.72 -20.26
N PHE B 210 -13.05 -10.61 -18.93
CA PHE B 210 -12.40 -9.53 -18.15
C PHE B 210 -12.31 -9.79 -16.64
N GLY B 211 -11.27 -9.27 -16.01
CA GLY B 211 -11.11 -9.46 -14.58
C GLY B 211 -10.84 -8.20 -13.78
N ILE B 212 -10.65 -8.38 -12.47
CA ILE B 212 -10.39 -7.27 -11.56
C ILE B 212 -9.25 -7.69 -10.62
N ALA B 213 -8.13 -6.98 -10.69
CA ALA B 213 -6.96 -7.31 -9.86
C ALA B 213 -6.91 -6.46 -8.61
N GLN B 214 -6.33 -7.02 -7.55
CA GLN B 214 -6.24 -6.32 -6.27
C GLN B 214 -5.16 -6.84 -5.33
N ILE B 215 -4.56 -5.93 -4.55
CA ILE B 215 -3.57 -6.31 -3.56
C ILE B 215 -4.05 -5.71 -2.25
N GLY B 216 -3.85 -6.42 -1.15
CA GLY B 216 -4.33 -5.94 0.12
C GLY B 216 -4.01 -6.83 1.31
N LYS B 217 -4.50 -6.38 2.45
CA LYS B 217 -4.25 -7.09 3.70
C LYS B 217 -5.43 -7.95 4.08
N ALA B 218 -5.11 -9.04 4.78
CA ALA B 218 -6.14 -9.97 5.25
C ALA B 218 -5.73 -10.50 6.62
N PHE B 219 -6.75 -10.88 7.39
CA PHE B 219 -6.56 -11.35 8.75
C PHE B 219 -7.23 -12.65 9.06
N ARG B 220 -6.40 -13.62 9.41
CA ARG B 220 -6.80 -14.97 9.79
C ARG B 220 -6.53 -15.12 11.30
N ASN B 221 -7.58 -15.40 12.08
CA ASN B 221 -7.44 -15.57 13.52
C ASN B 221 -6.91 -16.96 13.87
N GLU B 222 -5.64 -17.12 13.55
CA GLU B 222 -4.92 -18.35 13.77
C GLU B 222 -4.86 -18.58 15.25
N ILE B 223 -4.75 -19.85 15.65
CA ILE B 223 -4.65 -20.19 17.05
C ILE B 223 -3.19 -20.40 17.40
N THR B 224 -2.49 -21.13 16.55
CA THR B 224 -1.08 -21.42 16.79
C THR B 224 -0.19 -21.00 15.64
N PRO B 225 0.47 -19.86 15.80
CA PRO B 225 1.38 -19.33 14.78
C PRO B 225 2.67 -20.15 14.70
N ARG B 226 2.75 -20.97 13.67
CA ARG B 226 3.90 -21.82 13.40
C ARG B 226 4.82 -21.19 12.40
N ASN B 227 6.04 -21.71 12.44
CA ASN B 227 7.15 -21.33 11.60
C ASN B 227 7.01 -20.12 10.69
N PHE B 228 7.53 -19.03 11.22
CA PHE B 228 7.64 -17.79 10.49
C PHE B 228 6.38 -17.32 9.80
N ILE B 229 6.63 -16.82 8.60
CA ILE B 229 5.71 -16.25 7.63
C ILE B 229 4.55 -17.14 7.23
N PHE B 230 4.68 -18.44 7.48
CA PHE B 230 3.67 -19.41 7.07
C PHE B 230 2.33 -19.47 7.74
N ARG B 231 2.30 -19.50 9.07
CA ARG B 231 1.03 -19.51 9.80
C ARG B 231 1.04 -18.19 10.56
N VAL B 232 0.50 -17.16 9.91
CA VAL B 232 0.49 -15.81 10.48
C VAL B 232 -0.93 -15.26 10.52
N ARG B 233 -1.13 -14.20 11.29
CA ARG B 233 -2.44 -13.59 11.48
C ARG B 233 -2.73 -12.39 10.57
N GLU B 234 -1.66 -11.72 10.16
CA GLU B 234 -1.78 -10.56 9.30
C GLU B 234 -0.82 -10.86 8.18
N PHE B 235 -1.24 -10.56 6.93
CA PHE B 235 -0.41 -10.80 5.73
C PHE B 235 -1.07 -10.09 4.55
N GLU B 236 -0.47 -10.24 3.37
CA GLU B 236 -1.03 -9.61 2.16
C GLU B 236 -1.19 -10.56 0.97
N GLN B 237 -2.15 -10.26 0.11
CA GLN B 237 -2.40 -11.08 -1.07
C GLN B 237 -2.47 -10.34 -2.41
N MET B 238 -2.30 -11.09 -3.50
CA MET B 238 -2.40 -10.57 -4.85
C MET B 238 -3.42 -11.47 -5.53
N GLU B 239 -4.65 -10.99 -5.65
CA GLU B 239 -5.72 -11.78 -6.24
C GLU B 239 -6.33 -11.14 -7.46
N ILE B 240 -6.87 -12.01 -8.30
CA ILE B 240 -7.49 -11.63 -9.54
C ILE B 240 -8.78 -12.38 -9.63
N GLU B 241 -9.81 -11.72 -10.16
CA GLU B 241 -11.10 -12.34 -10.34
C GLU B 241 -11.40 -12.16 -11.80
N TYR B 242 -11.24 -13.22 -12.57
CA TYR B 242 -11.50 -13.14 -14.00
C TYR B 242 -12.92 -13.59 -14.36
N PHE B 243 -13.80 -12.64 -14.69
CA PHE B 243 -15.17 -12.95 -15.04
C PHE B 243 -15.27 -13.46 -16.45
N VAL B 244 -15.92 -14.62 -16.56
CA VAL B 244 -16.06 -15.35 -17.80
C VAL B 244 -17.49 -15.85 -18.07
N ARG B 245 -17.83 -16.01 -19.35
CA ARG B 245 -19.15 -16.51 -19.78
C ARG B 245 -19.29 -18.02 -19.46
N PRO B 246 -20.37 -18.44 -18.78
CA PRO B 246 -20.60 -19.84 -18.42
C PRO B 246 -20.00 -20.92 -19.31
N GLY B 247 -20.09 -20.76 -20.61
CA GLY B 247 -19.50 -21.79 -21.47
C GLY B 247 -17.98 -21.93 -21.48
N GLU B 248 -17.26 -20.82 -21.61
CA GLU B 248 -15.79 -20.82 -21.73
C GLU B 248 -14.93 -21.04 -20.47
N ASP B 249 -15.58 -21.30 -19.35
CA ASP B 249 -14.90 -21.47 -18.09
C ASP B 249 -13.71 -22.43 -18.04
N GLU B 250 -13.85 -23.64 -18.57
CA GLU B 250 -12.77 -24.63 -18.52
C GLU B 250 -11.51 -24.20 -19.25
N TYR B 251 -11.70 -23.40 -20.30
CA TYR B 251 -10.57 -22.92 -21.10
C TYR B 251 -9.72 -21.95 -20.29
N TRP B 252 -10.41 -20.91 -19.84
CA TRP B 252 -9.77 -19.87 -19.10
C TRP B 252 -9.00 -20.39 -17.91
N HIS B 253 -9.57 -21.40 -17.25
CA HIS B 253 -8.90 -21.96 -16.11
C HIS B 253 -7.48 -22.47 -16.46
N ARG B 254 -7.33 -23.21 -17.55
CA ARG B 254 -6.00 -23.74 -17.88
C ARG B 254 -5.06 -22.65 -18.39
N TYR B 255 -5.66 -21.63 -18.99
CA TYR B 255 -4.94 -20.48 -19.52
C TYR B 255 -4.20 -19.76 -18.38
N TRP B 256 -4.97 -19.44 -17.34
CA TRP B 256 -4.44 -18.78 -16.17
C TRP B 256 -3.37 -19.58 -15.43
N VAL B 257 -3.59 -20.88 -15.35
CA VAL B 257 -2.64 -21.74 -14.68
C VAL B 257 -1.25 -21.66 -15.38
N GLU B 258 -1.20 -21.76 -16.71
CA GLU B 258 0.09 -21.70 -17.41
C GLU B 258 0.77 -20.37 -17.22
N GLU B 259 -0.08 -19.35 -17.27
CA GLU B 259 0.32 -17.95 -17.14
C GLU B 259 1.01 -17.66 -15.81
N ARG B 260 0.33 -17.97 -14.72
CA ARG B 260 0.85 -17.74 -13.39
C ARG B 260 2.16 -18.52 -13.16
N LEU B 261 2.11 -19.78 -13.58
CA LEU B 261 3.22 -20.72 -13.48
C LEU B 261 4.43 -20.12 -14.19
N LYS B 262 4.15 -19.67 -15.40
CA LYS B 262 5.16 -19.06 -16.23
C LYS B 262 5.75 -17.79 -15.51
N TRP B 263 4.86 -16.94 -14.94
CA TRP B 263 5.29 -15.72 -14.29
C TRP B 263 6.30 -15.99 -13.22
N TRP B 264 5.92 -16.88 -12.31
CA TRP B 264 6.78 -17.24 -11.20
C TRP B 264 8.19 -17.59 -11.60
N GLN B 265 8.35 -18.25 -12.73
CA GLN B 265 9.70 -18.59 -13.15
C GLN B 265 10.42 -17.34 -13.66
N GLU B 266 9.67 -16.41 -14.29
CA GLU B 266 10.29 -15.18 -14.81
C GLU B 266 10.87 -14.37 -13.66
N MET B 267 10.19 -14.46 -12.50
CA MET B 267 10.58 -13.80 -11.28
C MET B 267 11.84 -14.40 -10.69
N GLY B 268 12.25 -15.56 -11.20
CA GLY B 268 13.47 -16.20 -10.73
C GLY B 268 13.37 -17.57 -10.04
N LEU B 269 12.18 -18.13 -9.87
CA LEU B 269 12.07 -19.42 -9.23
C LEU B 269 12.29 -20.52 -10.30
N SER B 270 13.05 -21.56 -9.94
CA SER B 270 13.37 -22.72 -10.82
C SER B 270 12.17 -23.65 -10.97
N ARG B 271 11.96 -24.13 -12.19
CA ARG B 271 10.84 -25.06 -12.48
C ARG B 271 10.88 -26.31 -11.58
N GLU B 272 12.09 -26.77 -11.26
CA GLU B 272 12.35 -27.95 -10.41
C GLU B 272 11.77 -27.82 -9.04
N ASN B 273 11.62 -26.57 -8.57
CA ASN B 273 11.09 -26.31 -7.24
C ASN B 273 9.65 -25.95 -7.23
N LEU B 274 9.04 -25.95 -8.41
CA LEU B 274 7.62 -25.61 -8.47
C LEU B 274 6.85 -26.87 -8.65
N VAL B 275 5.69 -26.92 -8.01
CA VAL B 275 4.87 -28.09 -8.09
C VAL B 275 3.40 -27.80 -8.30
N PRO B 276 2.90 -27.95 -9.55
CA PRO B 276 1.49 -27.72 -9.89
C PRO B 276 0.64 -28.90 -9.43
N TYR B 277 -0.01 -28.78 -8.28
CA TYR B 277 -0.83 -29.87 -7.80
C TYR B 277 -2.27 -29.66 -8.22
N GLN B 278 -2.80 -30.65 -8.91
CA GLN B 278 -4.19 -30.57 -9.33
C GLN B 278 -4.99 -31.24 -8.25
N GLN B 279 -5.85 -30.52 -7.57
CA GLN B 279 -6.65 -31.12 -6.51
C GLN B 279 -7.58 -32.17 -7.05
N PRO B 280 -7.68 -33.34 -6.35
CA PRO B 280 -8.55 -34.47 -6.70
C PRO B 280 -9.95 -34.10 -6.14
N PRO B 281 -11.03 -34.54 -6.80
CA PRO B 281 -12.43 -34.25 -6.43
C PRO B 281 -12.82 -34.24 -4.95
N GLU B 282 -11.99 -34.87 -4.11
CA GLU B 282 -12.20 -34.95 -2.66
C GLU B 282 -11.84 -33.60 -2.01
N SER B 283 -10.74 -32.98 -2.46
CA SER B 283 -10.33 -31.70 -1.91
C SER B 283 -11.24 -30.50 -2.33
N SER B 284 -11.66 -30.45 -3.61
CA SER B 284 -12.50 -29.36 -4.18
C SER B 284 -13.75 -28.97 -3.37
N ALA B 285 -13.84 -27.71 -2.94
CA ALA B 285 -15.02 -27.25 -2.21
C ALA B 285 -16.18 -27.45 -3.19
N HIS B 286 -17.39 -27.68 -2.69
CA HIS B 286 -18.54 -27.97 -3.56
C HIS B 286 -18.75 -27.22 -4.90
N TYR B 287 -18.70 -25.89 -4.88
CA TYR B 287 -18.91 -25.05 -6.08
C TYR B 287 -17.67 -25.00 -7.00
N ALA B 288 -16.55 -25.58 -6.57
CA ALA B 288 -15.32 -25.56 -7.37
C ALA B 288 -15.22 -26.70 -8.39
N LYS B 289 -15.46 -26.35 -9.64
CA LYS B 289 -15.41 -27.28 -10.75
C LYS B 289 -13.96 -27.76 -11.02
N ALA B 290 -12.96 -27.14 -10.39
CA ALA B 290 -11.54 -27.54 -10.56
C ALA B 290 -10.60 -26.58 -9.86
N THR B 291 -9.43 -27.06 -9.43
CA THR B 291 -8.45 -26.16 -8.82
C THR B 291 -7.03 -26.71 -8.77
N VAL B 292 -6.06 -25.85 -9.03
CA VAL B 292 -4.64 -26.22 -9.03
C VAL B 292 -3.85 -25.34 -8.06
N ASP B 293 -2.98 -25.95 -7.27
CA ASP B 293 -2.15 -25.23 -6.32
C ASP B 293 -0.73 -25.27 -6.82
N ILE B 294 0.02 -24.18 -6.67
CA ILE B 294 1.40 -24.15 -7.11
C ILE B 294 2.17 -24.18 -5.84
N LEU B 295 2.95 -25.22 -5.61
CA LEU B 295 3.69 -25.31 -4.37
C LEU B 295 5.13 -25.05 -4.61
N TYR B 296 5.78 -24.57 -3.57
CA TYR B 296 7.18 -24.30 -3.68
C TYR B 296 7.88 -25.22 -2.69
N ARG B 297 8.99 -25.73 -3.16
CA ARG B 297 9.86 -26.62 -2.42
C ARG B 297 10.68 -25.79 -1.40
N PHE B 298 10.11 -25.51 -0.22
CA PHE B 298 10.86 -24.77 0.83
C PHE B 298 11.77 -25.72 1.61
N PRO B 299 12.79 -25.18 2.32
CA PRO B 299 13.69 -26.05 3.10
C PRO B 299 12.94 -26.99 4.06
N HIS B 300 11.92 -26.46 4.72
CA HIS B 300 11.13 -27.25 5.67
C HIS B 300 10.03 -28.12 5.03
N GLY B 301 9.82 -27.97 3.72
CA GLY B 301 8.81 -28.73 3.00
C GLY B 301 8.05 -27.94 1.94
N SER B 302 7.10 -28.58 1.25
CA SER B 302 6.30 -27.90 0.22
C SER B 302 5.25 -27.02 0.88
N LEU B 303 5.21 -25.74 0.53
CA LEU B 303 4.14 -24.90 1.04
C LEU B 303 3.47 -24.23 -0.16
N GLU B 304 2.16 -24.00 -0.07
CA GLU B 304 1.40 -23.43 -1.16
C GLU B 304 1.74 -21.98 -1.47
N LEU B 305 2.06 -21.64 -2.73
CA LEU B 305 2.38 -20.25 -3.15
C LEU B 305 1.13 -19.55 -3.69
N GLU B 306 0.52 -20.18 -4.68
CA GLU B 306 -0.65 -19.63 -5.31
C GLU B 306 -1.68 -20.72 -5.59
N GLY B 307 -2.94 -20.31 -5.75
CA GLY B 307 -3.98 -21.26 -6.04
C GLY B 307 -4.87 -20.69 -7.13
N ILE B 308 -5.05 -21.44 -8.21
CA ILE B 308 -5.92 -21.03 -9.32
C ILE B 308 -7.16 -21.93 -9.32
N ALA B 309 -8.25 -21.42 -8.78
CA ALA B 309 -9.46 -22.20 -8.73
C ALA B 309 -10.40 -21.79 -9.82
N GLN B 310 -11.54 -22.46 -9.89
CA GLN B 310 -12.57 -22.21 -10.87
C GLN B 310 -13.84 -22.34 -10.01
N ARG B 311 -14.45 -21.20 -9.73
CA ARG B 311 -15.59 -21.11 -8.81
C ARG B 311 -16.97 -20.95 -9.38
N THR B 312 -17.10 -21.27 -10.67
CA THR B 312 -18.38 -21.16 -11.38
C THR B 312 -19.09 -19.83 -11.05
N ASP B 313 -20.41 -19.87 -10.83
CA ASP B 313 -21.10 -18.64 -10.51
C ASP B 313 -21.48 -18.56 -9.04
N PHE B 314 -20.64 -19.16 -8.20
CA PHE B 314 -20.96 -19.15 -6.78
C PHE B 314 -20.84 -17.79 -6.10
N ASP B 315 -19.72 -17.11 -6.35
CA ASP B 315 -19.48 -15.85 -5.69
C ASP B 315 -20.44 -14.81 -6.12
N LEU B 316 -20.46 -14.53 -7.42
CA LEU B 316 -21.39 -13.52 -7.89
C LEU B 316 -22.80 -13.97 -7.53
N GLY B 317 -23.01 -15.28 -7.61
CA GLY B 317 -24.29 -15.87 -7.31
C GLY B 317 -24.78 -15.55 -5.92
N SER B 318 -24.00 -15.91 -4.90
CA SER B 318 -24.36 -15.68 -3.50
C SER B 318 -24.67 -14.22 -3.08
N HIS B 319 -24.16 -13.24 -3.84
CA HIS B 319 -24.36 -11.85 -3.49
C HIS B 319 -25.41 -11.09 -4.28
N THR B 320 -25.91 -11.67 -5.36
CA THR B 320 -26.87 -10.95 -6.21
C THR B 320 -28.36 -10.94 -5.87
N LYS B 321 -29.04 -9.93 -6.40
CA LYS B 321 -30.49 -9.76 -6.23
C LYS B 321 -31.14 -10.47 -7.42
N ASP B 322 -32.41 -10.87 -7.27
CA ASP B 322 -33.17 -11.57 -8.34
C ASP B 322 -32.54 -12.94 -8.67
N GLN B 323 -32.09 -13.63 -7.61
CA GLN B 323 -31.43 -14.92 -7.73
C GLN B 323 -32.09 -15.99 -8.62
N GLU B 324 -33.39 -16.25 -8.40
CA GLU B 324 -34.10 -17.28 -9.18
C GLU B 324 -34.51 -16.84 -10.58
N ALA B 325 -34.30 -15.58 -10.92
CA ALA B 325 -34.64 -15.11 -12.25
C ALA B 325 -33.41 -15.39 -13.15
N LEU B 326 -32.23 -15.41 -12.54
CA LEU B 326 -30.96 -15.67 -13.23
C LEU B 326 -30.65 -17.15 -12.95
N GLY B 327 -30.48 -17.96 -13.99
CA GLY B 327 -30.22 -19.37 -13.75
C GLY B 327 -28.88 -19.66 -13.08
N ILE B 328 -28.82 -19.55 -11.75
CA ILE B 328 -27.57 -19.79 -10.98
C ILE B 328 -27.30 -21.28 -10.93
N THR B 329 -26.09 -21.71 -11.29
CA THR B 329 -25.80 -23.13 -11.27
C THR B 329 -25.32 -23.68 -9.90
N ALA B 330 -24.51 -22.94 -9.14
CA ALA B 330 -24.06 -23.43 -7.83
C ALA B 330 -25.10 -23.20 -6.71
N ARG B 331 -25.08 -24.02 -5.66
CA ARG B 331 -26.04 -23.82 -4.59
C ARG B 331 -25.67 -22.57 -3.78
N VAL B 332 -26.61 -21.60 -3.70
CA VAL B 332 -26.38 -20.34 -2.97
C VAL B 332 -27.42 -20.15 -1.86
N LEU B 333 -27.17 -19.22 -0.94
CA LEU B 333 -28.14 -18.98 0.13
C LEU B 333 -29.16 -18.01 -0.41
N ARG B 334 -30.37 -18.05 0.13
CA ARG B 334 -31.41 -17.11 -0.30
C ARG B 334 -30.86 -15.77 0.20
N ASN B 335 -30.77 -14.79 -0.68
CA ASN B 335 -30.24 -13.48 -0.33
C ASN B 335 -31.39 -12.49 -0.27
N GLU B 336 -31.82 -12.14 0.94
CA GLU B 336 -32.90 -11.19 1.13
C GLU B 336 -32.40 -9.75 1.35
N HIS B 337 -31.13 -9.48 1.13
CA HIS B 337 -30.61 -8.13 1.37
C HIS B 337 -30.00 -7.29 0.24
N SER B 338 -29.30 -7.94 -0.67
CA SER B 338 -28.64 -7.21 -1.77
C SER B 338 -29.51 -6.22 -2.54
N THR B 339 -28.99 -5.01 -2.75
CA THR B 339 -29.71 -3.97 -3.45
C THR B 339 -29.45 -3.88 -4.97
N GLN B 340 -28.47 -4.63 -5.48
CA GLN B 340 -28.13 -4.61 -6.91
C GLN B 340 -28.13 -5.98 -7.51
N ARG B 341 -28.22 -6.04 -8.82
CA ARG B 341 -28.18 -7.30 -9.48
C ARG B 341 -26.78 -7.48 -10.08
N LEU B 342 -26.01 -8.41 -9.52
CA LEU B 342 -24.66 -8.69 -9.99
C LEU B 342 -24.65 -9.75 -11.09
N ALA B 343 -25.10 -9.37 -12.28
CA ALA B 343 -25.14 -10.29 -13.41
C ALA B 343 -24.77 -9.55 -14.66
N TYR B 344 -24.59 -10.29 -15.75
CA TYR B 344 -24.25 -9.70 -17.03
C TYR B 344 -25.34 -9.98 -18.05
N ARG B 345 -25.53 -9.02 -18.96
CA ARG B 345 -26.55 -9.17 -19.99
C ARG B 345 -26.06 -8.77 -21.36
N ASP B 346 -26.76 -9.26 -22.38
CA ASP B 346 -26.52 -9.03 -23.82
C ASP B 346 -25.64 -10.07 -24.53
N PRO B 347 -26.11 -11.34 -24.61
CA PRO B 347 -25.22 -12.26 -25.33
C PRO B 347 -25.63 -12.06 -26.79
N GLU B 348 -25.44 -10.81 -27.29
CA GLU B 348 -25.78 -10.37 -28.66
C GLU B 348 -27.29 -10.06 -28.66
N THR B 349 -28.01 -10.85 -27.85
CA THR B 349 -29.45 -10.79 -27.63
C THR B 349 -29.69 -9.85 -26.44
N GLY B 350 -30.35 -10.34 -25.40
CA GLY B 350 -30.59 -9.51 -24.24
C GLY B 350 -30.74 -10.34 -23.01
N LYS B 351 -30.22 -11.56 -23.04
CA LYS B 351 -30.30 -12.50 -21.92
C LYS B 351 -29.35 -12.15 -20.74
N TRP B 352 -29.88 -12.24 -19.52
CA TRP B 352 -29.13 -11.95 -18.31
C TRP B 352 -28.54 -13.26 -17.75
N PHE B 353 -27.35 -13.20 -17.14
CA PHE B 353 -26.72 -14.38 -16.56
C PHE B 353 -25.57 -14.04 -15.63
N VAL B 354 -25.31 -14.92 -14.66
CA VAL B 354 -24.19 -14.69 -13.74
C VAL B 354 -22.94 -15.37 -14.30
N PRO B 355 -21.88 -14.57 -14.51
CA PRO B 355 -20.63 -15.10 -15.05
C PRO B 355 -19.96 -16.08 -14.10
N TYR B 356 -19.12 -16.93 -14.66
CA TYR B 356 -18.33 -17.90 -13.89
C TYR B 356 -17.03 -17.18 -13.55
N VAL B 357 -16.35 -17.54 -12.47
CA VAL B 357 -15.13 -16.82 -12.14
C VAL B 357 -13.92 -17.72 -12.00
N ILE B 358 -12.81 -17.34 -12.63
CA ILE B 358 -11.54 -18.05 -12.49
C ILE B 358 -10.76 -17.17 -11.49
N GLU B 359 -10.10 -17.77 -10.52
CA GLU B 359 -9.42 -16.98 -9.51
C GLU B 359 -8.00 -17.32 -9.05
N PRO B 360 -7.00 -16.61 -9.61
CA PRO B 360 -5.58 -16.82 -9.23
C PRO B 360 -5.38 -16.00 -7.92
N SER B 361 -4.89 -16.65 -6.87
CA SER B 361 -4.69 -15.95 -5.63
C SER B 361 -3.33 -16.31 -5.06
N ALA B 362 -2.44 -15.33 -4.92
CA ALA B 362 -1.09 -15.57 -4.38
C ALA B 362 -0.89 -14.84 -3.05
N GLY B 363 0.07 -15.30 -2.24
CA GLY B 363 0.35 -14.69 -0.94
C GLY B 363 1.67 -13.97 -1.03
N VAL B 364 1.63 -12.66 -0.88
CA VAL B 364 2.84 -11.86 -1.02
C VAL B 364 4.06 -12.31 -0.23
N ASP B 365 3.83 -12.54 1.05
CA ASP B 365 4.89 -12.95 1.96
C ASP B 365 5.53 -14.27 1.51
N ARG B 366 4.66 -15.21 1.16
CA ARG B 366 5.13 -16.51 0.68
C ARG B 366 6.11 -16.30 -0.49
N GLY B 367 5.67 -15.45 -1.43
CA GLY B 367 6.44 -15.14 -2.61
C GLY B 367 7.79 -14.58 -2.21
N VAL B 368 7.77 -13.60 -1.31
CA VAL B 368 9.01 -12.98 -0.86
C VAL B 368 9.94 -14.07 -0.28
N LEU B 369 9.40 -14.95 0.55
CA LEU B 369 10.21 -16.01 1.10
C LEU B 369 10.75 -16.96 0.04
N ALA B 370 9.91 -17.31 -0.91
CA ALA B 370 10.30 -18.20 -1.98
C ALA B 370 11.52 -17.65 -2.67
N LEU B 371 11.45 -16.38 -3.01
CA LEU B 371 12.53 -15.72 -3.71
C LEU B 371 13.83 -15.69 -2.95
N LEU B 372 13.68 -15.51 -1.64
CA LEU B 372 14.83 -15.45 -0.75
C LEU B 372 15.44 -16.82 -0.66
N ALA B 373 14.55 -17.79 -0.40
CA ALA B 373 14.94 -19.18 -0.29
C ALA B 373 15.75 -19.59 -1.52
N GLU B 374 15.18 -19.36 -2.70
CA GLU B 374 15.83 -19.70 -3.96
C GLU B 374 17.20 -19.01 -4.20
N ALA B 375 17.24 -17.71 -3.91
CA ALA B 375 18.41 -16.86 -4.11
C ALA B 375 19.54 -17.19 -3.17
N PHE B 376 19.19 -17.51 -1.94
CA PHE B 376 20.16 -17.83 -0.93
C PHE B 376 21.14 -18.88 -1.39
N THR B 377 22.43 -18.60 -1.32
CA THR B 377 23.44 -19.60 -1.71
C THR B 377 24.75 -19.36 -0.90
N ARG B 378 25.44 -20.42 -0.46
CA ARG B 378 26.71 -20.30 0.29
C ARG B 378 27.85 -20.72 -0.66
N GLU B 379 28.86 -19.88 -0.81
CA GLU B 379 29.93 -20.22 -1.73
C GLU B 379 31.27 -20.39 -1.11
N GLU B 380 32.03 -21.31 -1.69
CA GLU B 380 33.39 -21.54 -1.22
C GLU B 380 34.27 -20.66 -2.11
N LEU B 381 35.09 -19.82 -1.48
CA LEU B 381 35.96 -18.90 -2.22
C LEU B 381 37.38 -19.43 -2.39
N PRO B 382 38.07 -19.02 -3.48
CA PRO B 382 39.45 -19.44 -3.77
C PRO B 382 40.47 -19.35 -2.61
N ASN B 383 40.30 -18.39 -1.71
CA ASN B 383 41.22 -18.24 -0.58
C ASN B 383 40.94 -19.24 0.54
N GLY B 384 39.77 -19.89 0.54
CA GLY B 384 39.50 -20.84 1.58
C GLY B 384 38.23 -20.60 2.37
N GLU B 385 37.82 -19.35 2.58
CA GLU B 385 36.57 -19.07 3.32
C GLU B 385 35.37 -19.10 2.40
N GLU B 386 34.19 -19.01 3.01
CA GLU B 386 32.93 -19.01 2.27
C GLU B 386 32.27 -17.62 2.35
N ARG B 387 31.09 -17.50 1.73
CA ARG B 387 30.35 -16.23 1.71
C ARG B 387 28.90 -16.55 1.41
N ILE B 388 27.99 -15.71 1.91
CA ILE B 388 26.57 -15.89 1.63
C ILE B 388 26.25 -14.85 0.58
N VAL B 389 25.54 -15.28 -0.46
CA VAL B 389 25.17 -14.41 -1.57
C VAL B 389 23.71 -14.58 -1.93
N LEU B 390 22.93 -13.51 -1.83
CA LEU B 390 21.53 -13.61 -2.23
C LEU B 390 21.52 -13.41 -3.75
N LYS B 391 21.28 -14.48 -4.50
CA LYS B 391 21.25 -14.38 -5.94
C LYS B 391 19.84 -14.00 -6.43
N LEU B 392 19.41 -12.80 -6.07
CA LEU B 392 18.09 -12.32 -6.46
C LEU B 392 18.12 -11.78 -7.85
N LYS B 393 17.00 -11.87 -8.57
CA LYS B 393 16.90 -11.33 -9.92
C LYS B 393 17.16 -9.83 -9.76
N PRO B 394 18.10 -9.26 -10.53
CA PRO B 394 18.47 -7.82 -10.46
C PRO B 394 17.33 -6.80 -10.32
N GLN B 395 16.37 -6.86 -11.25
CA GLN B 395 15.24 -5.97 -11.28
C GLN B 395 14.41 -6.00 -9.99
N LEU B 396 14.58 -7.04 -9.19
CA LEU B 396 13.88 -7.16 -7.91
C LEU B 396 14.68 -6.84 -6.64
N ALA B 397 16.00 -6.76 -6.77
CA ALA B 397 16.88 -6.47 -5.65
C ALA B 397 16.49 -5.21 -4.88
N PRO B 398 16.50 -5.26 -3.52
CA PRO B 398 16.13 -4.05 -2.78
C PRO B 398 17.08 -2.89 -3.21
N ILE B 399 18.33 -3.18 -3.57
CA ILE B 399 19.26 -2.14 -4.03
C ILE B 399 19.95 -2.55 -5.34
N LYS B 400 19.96 -1.66 -6.34
CA LYS B 400 20.59 -1.97 -7.61
C LYS B 400 22.06 -1.67 -7.62
N VAL B 401 22.45 -0.46 -7.22
CA VAL B 401 23.87 -0.16 -7.23
C VAL B 401 24.28 0.48 -5.93
N ALA B 402 25.47 0.15 -5.45
CA ALA B 402 25.99 0.76 -4.23
C ALA B 402 27.24 1.52 -4.68
N VAL B 403 27.29 2.79 -4.28
CA VAL B 403 28.40 3.65 -4.63
C VAL B 403 29.14 3.78 -3.31
N ILE B 404 30.39 3.33 -3.30
CA ILE B 404 31.20 3.33 -2.08
C ILE B 404 32.56 4.05 -2.17
N PRO B 405 32.90 4.90 -1.17
CA PRO B 405 34.18 5.62 -1.18
C PRO B 405 35.27 4.77 -0.55
N LEU B 406 36.46 4.74 -1.17
CA LEU B 406 37.54 3.94 -0.62
C LEU B 406 37.96 4.38 0.80
N VAL B 407 38.23 5.66 1.00
CA VAL B 407 38.60 6.17 2.33
C VAL B 407 37.48 7.10 2.78
N LYS B 408 37.10 7.00 4.06
CA LYS B 408 35.99 7.79 4.65
C LYS B 408 36.26 9.26 5.02
N ASN B 409 37.53 9.58 5.28
CA ASN B 409 37.91 10.93 5.67
C ASN B 409 38.04 11.91 4.48
N ARG B 410 38.50 11.45 3.31
CA ARG B 410 38.68 12.32 2.14
C ARG B 410 37.46 13.01 1.54
N PRO B 411 37.40 14.36 1.63
CA PRO B 411 36.29 15.14 1.11
C PRO B 411 36.11 15.10 -0.40
N GLU B 412 37.20 15.22 -1.16
CA GLU B 412 37.10 15.19 -2.60
C GLU B 412 36.49 13.86 -3.02
N ILE B 413 36.81 12.79 -2.28
CA ILE B 413 36.29 11.44 -2.59
C ILE B 413 34.80 11.28 -2.27
N THR B 414 34.41 11.59 -1.04
CA THR B 414 33.02 11.48 -0.62
C THR B 414 32.11 12.39 -1.44
N GLU B 415 32.55 13.61 -1.65
CA GLU B 415 31.77 14.57 -2.40
C GLU B 415 31.59 14.07 -3.86
N TYR B 416 32.63 13.42 -4.40
CA TYR B 416 32.55 12.89 -5.76
C TYR B 416 31.46 11.80 -5.86
N ALA B 417 31.63 10.83 -4.96
CA ALA B 417 30.77 9.66 -4.81
C ALA B 417 29.29 10.04 -4.71
N LYS B 418 28.98 10.99 -3.83
CA LYS B 418 27.61 11.42 -3.67
C LYS B 418 27.05 11.95 -4.99
N ARG B 419 27.80 12.83 -5.66
CA ARG B 419 27.38 13.39 -6.93
C ARG B 419 27.10 12.31 -7.96
N LEU B 420 27.90 11.26 -7.88
CA LEU B 420 27.78 10.11 -8.76
C LEU B 420 26.49 9.27 -8.54
N LYS B 421 26.19 8.98 -7.27
CA LYS B 421 25.00 8.20 -6.88
C LYS B 421 23.73 8.84 -7.47
N ALA B 422 23.70 10.17 -7.46
CA ALA B 422 22.57 10.91 -7.99
C ALA B 422 22.54 10.77 -9.49
N ARG B 423 23.70 10.86 -10.15
CA ARG B 423 23.71 10.71 -11.60
C ARG B 423 23.13 9.34 -11.96
N LEU B 424 23.51 8.32 -11.22
CA LEU B 424 23.03 6.97 -11.47
C LEU B 424 21.54 6.78 -11.17
N LEU B 425 21.08 7.40 -10.10
CA LEU B 425 19.67 7.26 -9.75
C LEU B 425 18.81 7.81 -10.89
N ALA B 426 19.34 8.85 -11.53
CA ALA B 426 18.69 9.53 -12.63
C ALA B 426 18.42 8.64 -13.84
N LEU B 427 19.19 7.57 -13.97
CA LEU B 427 19.00 6.64 -15.09
C LEU B 427 17.64 5.98 -14.98
N GLY B 428 17.09 5.93 -13.78
CA GLY B 428 15.79 5.33 -13.60
C GLY B 428 15.79 3.81 -13.69
N LEU B 429 16.88 3.19 -13.24
CA LEU B 429 16.97 1.73 -13.25
C LEU B 429 16.70 1.10 -11.89
N GLY B 430 16.40 1.92 -10.87
CA GLY B 430 16.14 1.41 -9.54
C GLY B 430 17.01 2.10 -8.50
N ARG B 431 16.79 1.78 -7.23
CA ARG B 431 17.52 2.40 -6.15
C ARG B 431 19.06 2.29 -6.19
N VAL B 432 19.75 3.43 -6.13
CA VAL B 432 21.22 3.46 -6.09
C VAL B 432 21.44 3.97 -4.65
N LEU B 433 22.41 3.43 -3.94
CA LEU B 433 22.62 3.83 -2.55
C LEU B 433 24.04 4.31 -2.25
N TYR B 434 24.19 5.43 -1.53
CA TYR B 434 25.54 5.89 -1.20
C TYR B 434 25.88 5.20 0.11
N GLU B 435 26.97 4.45 0.14
CA GLU B 435 27.39 3.68 1.32
C GLU B 435 28.60 4.31 2.03
N ASP B 436 28.43 4.73 3.29
CA ASP B 436 29.52 5.34 4.03
C ASP B 436 30.09 4.48 5.17
N THR B 437 29.70 3.20 5.24
CA THR B 437 30.21 2.33 6.29
C THR B 437 31.71 2.02 6.21
N GLY B 438 32.35 1.98 7.37
CA GLY B 438 33.78 1.71 7.46
C GLY B 438 34.13 0.33 6.94
N ASN B 439 35.32 0.23 6.36
CA ASN B 439 35.87 -1.00 5.80
C ASN B 439 35.23 -1.42 4.47
N ILE B 440 36.03 -1.29 3.41
CA ILE B 440 35.62 -1.65 2.05
C ILE B 440 35.30 -3.15 1.98
N GLY B 441 35.88 -3.91 2.88
CA GLY B 441 35.63 -5.34 2.93
C GLY B 441 34.26 -5.65 3.52
N LYS B 442 33.92 -5.00 4.63
CA LYS B 442 32.63 -5.22 5.28
C LYS B 442 31.50 -4.86 4.30
N ALA B 443 31.69 -3.78 3.56
CA ALA B 443 30.69 -3.34 2.61
C ALA B 443 30.36 -4.43 1.61
N TYR B 444 31.38 -4.95 0.95
CA TYR B 444 31.20 -5.99 -0.05
C TYR B 444 30.40 -7.15 0.54
N ARG B 445 30.74 -7.52 1.77
CA ARG B 445 30.05 -8.60 2.45
C ARG B 445 28.57 -8.27 2.67
N ARG B 446 28.31 -7.12 3.28
CA ARG B 446 26.96 -6.66 3.57
C ARG B 446 26.07 -6.69 2.34
N HIS B 447 26.67 -6.29 1.22
CA HIS B 447 25.93 -6.24 -0.02
C HIS B 447 25.60 -7.54 -0.69
N ASP B 448 26.53 -8.48 -0.71
CA ASP B 448 26.24 -9.76 -1.30
C ASP B 448 25.15 -10.40 -0.47
N GLU B 449 25.18 -10.17 0.83
CA GLU B 449 24.16 -10.74 1.70
C GLU B 449 22.76 -10.24 1.41
N VAL B 450 22.65 -8.97 1.01
CA VAL B 450 21.33 -8.38 0.71
C VAL B 450 21.04 -8.39 -0.78
N GLY B 451 21.87 -9.13 -1.49
CA GLY B 451 21.71 -9.31 -2.91
C GLY B 451 21.83 -8.18 -3.88
N THR B 452 22.59 -7.11 -3.58
CA THR B 452 22.67 -6.01 -4.55
C THR B 452 23.70 -6.37 -5.67
N PRO B 453 23.26 -6.39 -6.95
CA PRO B 453 24.03 -6.71 -8.16
C PRO B 453 25.37 -6.04 -8.47
N PHE B 454 25.49 -4.75 -8.19
CA PHE B 454 26.74 -4.05 -8.48
C PHE B 454 27.20 -3.10 -7.43
N ALA B 455 28.51 -2.95 -7.35
CA ALA B 455 29.13 -2.06 -6.39
C ALA B 455 30.21 -1.25 -7.08
N VAL B 456 29.99 0.05 -7.11
CA VAL B 456 30.95 0.92 -7.73
C VAL B 456 31.74 1.52 -6.60
N THR B 457 33.03 1.63 -6.79
CA THR B 457 33.84 2.18 -5.73
C THR B 457 34.71 3.31 -6.27
N VAL B 458 34.81 4.38 -5.47
CA VAL B 458 35.55 5.60 -5.80
C VAL B 458 36.78 5.76 -4.93
N ASP B 459 37.90 6.05 -5.57
CA ASP B 459 39.15 6.23 -4.84
C ASP B 459 39.92 7.45 -5.33
N TYR B 460 41.15 7.60 -4.83
CA TYR B 460 42.06 8.71 -5.16
C TYR B 460 42.34 8.84 -6.64
N ASP B 461 42.31 7.71 -7.34
CA ASP B 461 42.54 7.73 -8.77
C ASP B 461 41.36 8.37 -9.43
N THR B 462 40.17 7.99 -8.96
CA THR B 462 38.91 8.55 -9.48
C THR B 462 39.00 10.08 -9.46
N ILE B 463 39.32 10.66 -8.30
CA ILE B 463 39.47 12.10 -8.13
C ILE B 463 40.53 12.59 -9.12
N GLY B 464 41.76 12.08 -8.94
CA GLY B 464 42.89 12.46 -9.77
C GLY B 464 44.20 12.53 -8.98
N GLN B 465 44.18 12.10 -7.72
CA GLN B 465 45.37 12.11 -6.85
C GLN B 465 46.15 10.76 -6.80
N SER B 466 46.43 10.21 -7.99
CA SER B 466 47.16 8.96 -8.18
C SER B 466 48.57 9.17 -7.62
N LYS B 467 49.02 8.30 -6.71
CA LYS B 467 50.37 8.44 -6.14
C LYS B 467 51.53 8.34 -7.16
N ASP B 468 51.25 7.81 -8.34
CA ASP B 468 52.29 7.70 -9.38
C ASP B 468 52.42 9.00 -10.20
N GLY B 469 51.44 9.89 -10.05
CA GLY B 469 51.49 11.15 -10.77
C GLY B 469 50.72 11.21 -12.06
N THR B 470 50.22 10.10 -12.57
CA THR B 470 49.48 10.21 -13.80
C THR B 470 48.04 10.56 -13.55
N THR B 471 47.35 10.94 -14.61
CA THR B 471 45.97 11.29 -14.52
C THR B 471 45.20 10.43 -15.48
N ARG B 472 45.82 9.37 -15.98
CA ARG B 472 45.12 8.51 -16.92
C ARG B 472 43.91 7.89 -16.24
N LEU B 473 43.97 7.74 -14.92
CA LEU B 473 42.84 7.14 -14.20
C LEU B 473 41.78 8.06 -13.58
N LYS B 474 41.70 9.31 -14.03
CA LYS B 474 40.72 10.26 -13.50
C LYS B 474 39.30 9.90 -14.02
N ASP B 475 38.26 10.13 -13.21
CA ASP B 475 36.83 9.89 -13.56
C ASP B 475 36.37 8.47 -13.91
N THR B 476 37.09 7.49 -13.39
CA THR B 476 36.79 6.08 -13.65
C THR B 476 36.63 5.42 -12.30
N VAL B 477 35.82 4.39 -12.25
CA VAL B 477 35.59 3.73 -10.99
C VAL B 477 35.61 2.25 -11.20
N THR B 478 35.80 1.50 -10.12
CA THR B 478 35.80 0.05 -10.21
C THR B 478 34.42 -0.45 -9.85
N VAL B 479 33.92 -1.37 -10.65
CA VAL B 479 32.61 -1.94 -10.42
C VAL B 479 32.71 -3.45 -10.24
N ARG B 480 32.30 -3.93 -9.08
CA ARG B 480 32.37 -5.35 -8.75
C ARG B 480 31.05 -6.10 -8.91
N ASP B 481 31.06 -7.06 -9.82
CA ASP B 481 29.91 -7.89 -10.09
C ASP B 481 29.58 -8.77 -8.87
N ARG B 482 28.31 -8.84 -8.47
CA ARG B 482 27.93 -9.62 -7.31
C ARG B 482 28.27 -11.09 -7.49
N ASP B 483 27.73 -11.66 -8.56
CA ASP B 483 27.94 -13.05 -8.91
C ASP B 483 29.40 -13.44 -9.20
N THR B 484 29.93 -13.01 -10.36
CA THR B 484 31.30 -13.34 -10.74
C THR B 484 32.39 -12.77 -9.83
N MET B 485 32.08 -11.72 -9.08
CA MET B 485 33.07 -11.09 -8.21
C MET B 485 34.15 -10.36 -9.02
N GLU B 486 33.97 -10.34 -10.34
CA GLU B 486 34.92 -9.67 -11.19
C GLU B 486 34.82 -8.15 -11.03
N GLN B 487 35.99 -7.50 -11.00
CA GLN B 487 36.04 -6.06 -10.88
C GLN B 487 36.70 -5.53 -12.11
N ILE B 488 36.09 -4.54 -12.72
CA ILE B 488 36.67 -3.92 -13.90
C ILE B 488 36.60 -2.44 -13.61
N ARG B 489 37.55 -1.67 -14.13
CA ARG B 489 37.50 -0.23 -13.89
C ARG B 489 37.12 0.44 -15.19
N LEU B 490 36.03 1.18 -15.18
CA LEU B 490 35.61 1.85 -16.38
C LEU B 490 35.25 3.31 -16.11
N HIS B 491 35.19 4.03 -17.19
CA HIS B 491 34.87 5.43 -17.12
C HIS B 491 33.39 5.52 -16.87
N VAL B 492 33.04 6.56 -16.15
CA VAL B 492 31.68 6.80 -15.81
C VAL B 492 30.66 6.78 -16.94
N ASP B 493 30.94 7.45 -18.07
CA ASP B 493 29.97 7.49 -19.17
C ASP B 493 29.57 6.13 -19.75
N GLU B 494 30.51 5.18 -19.68
CA GLU B 494 30.29 3.82 -20.18
C GLU B 494 29.44 3.07 -19.16
N LEU B 495 29.71 3.37 -17.91
CA LEU B 495 29.03 2.81 -16.77
C LEU B 495 27.50 2.83 -16.96
N GLU B 496 27.00 3.92 -17.54
CA GLU B 496 25.55 4.05 -17.76
C GLU B 496 25.03 2.96 -18.66
N GLY B 497 25.65 2.85 -19.84
CA GLY B 497 25.27 1.85 -20.81
C GLY B 497 25.44 0.44 -20.29
N PHE B 498 26.46 0.25 -19.46
CA PHE B 498 26.75 -1.02 -18.83
C PHE B 498 25.55 -1.44 -18.00
N LEU B 499 25.09 -0.50 -17.18
CA LEU B 499 23.97 -0.72 -16.31
C LEU B 499 22.63 -0.90 -17.01
N ARG B 500 22.37 -0.11 -18.05
CA ARG B 500 21.11 -0.24 -18.77
C ARG B 500 21.02 -1.66 -19.25
N GLU B 501 22.10 -2.11 -19.87
CA GLU B 501 22.22 -3.45 -20.42
C GLU B 501 21.80 -4.54 -19.46
N ARG B 502 22.40 -4.48 -18.28
CA ARG B 502 22.15 -5.45 -17.26
C ARG B 502 20.93 -5.29 -16.36
N LEU B 503 20.47 -4.06 -16.16
CA LEU B 503 19.36 -3.81 -15.25
C LEU B 503 18.00 -3.58 -15.83
N ARG B 504 17.92 -3.34 -17.13
CA ARG B 504 16.60 -3.09 -17.70
C ARG B 504 15.75 -4.36 -17.73
N TRP B 505 14.44 -4.17 -17.74
CA TRP B 505 13.45 -5.24 -17.74
C TRP B 505 13.33 -5.95 -19.07
N UNK C 1 -32.47 9.92 24.11
CA UNK C 1 -33.65 9.05 24.07
C UNK C 1 -33.53 8.12 22.84
N UNK C 2 -32.62 8.48 21.90
CA UNK C 2 -32.32 7.73 20.67
C UNK C 2 -30.83 7.33 20.41
N UNK C 3 -30.03 8.19 19.75
CA UNK C 3 -28.61 7.90 19.39
C UNK C 3 -27.47 8.40 20.28
N UNK C 4 -26.34 8.76 19.66
CA UNK C 4 -25.14 9.28 20.34
C UNK C 4 -24.64 10.57 19.64
N UNK C 5 -23.50 11.13 20.11
CA UNK C 5 -22.85 12.35 19.55
C UNK C 5 -21.64 12.76 20.42
N UNK C 6 -20.75 13.63 19.93
CA UNK C 6 -19.61 14.10 20.75
C UNK C 6 -20.11 15.38 21.42
N UNK C 7 -19.46 15.81 22.50
CA UNK C 7 -19.90 16.98 23.24
C UNK C 7 -19.69 18.27 22.42
N UNK C 8 -20.60 18.53 21.46
CA UNK C 8 -20.55 19.66 20.52
C UNK C 8 -19.04 19.78 20.21
N UNK C 9 -18.41 18.59 20.19
CA UNK C 9 -16.98 18.29 19.97
C UNK C 9 -15.88 19.00 20.81
N UNK C 10 -15.58 27.67 25.39
CA UNK C 10 -16.26 26.38 25.31
C UNK C 10 -15.42 25.23 25.88
N UNK C 11 -14.16 25.16 25.40
CA UNK C 11 -13.27 24.06 25.85
C UNK C 11 -13.14 24.03 27.35
N UNK C 12 -13.53 25.15 27.99
CA UNK C 12 -13.60 25.33 29.48
C UNK C 12 -14.80 24.59 30.15
N UNK C 13 -16.02 24.80 29.62
CA UNK C 13 -17.23 24.11 30.12
C UNK C 13 -17.07 22.58 29.94
N UNK C 14 -16.46 22.20 28.81
CA UNK C 14 -16.16 20.78 28.55
C UNK C 14 -15.25 20.19 29.67
N UNK C 15 -14.09 20.82 29.97
CA UNK C 15 -13.19 20.32 31.03
C UNK C 15 -13.94 20.15 32.36
N UNK C 16 -14.76 21.16 32.68
CA UNK C 16 -15.57 21.16 33.90
C UNK C 16 -16.69 20.09 33.92
N UNK C 17 -17.32 19.87 32.76
CA UNK C 17 -18.37 18.84 32.61
C UNK C 17 -17.73 17.42 32.76
N UNK C 18 -16.56 17.22 32.16
CA UNK C 18 -15.86 15.95 32.30
C UNK C 18 -15.35 15.76 33.74
N UNK C 19 -14.87 16.81 34.42
CA UNK C 19 -14.46 16.65 35.84
C UNK C 19 -15.73 16.37 36.67
N UNK C 20 -16.70 17.26 36.64
CA UNK C 20 -17.95 17.06 37.38
C UNK C 20 -18.98 16.25 36.59
N UNK C 21 -18.58 15.12 36.00
CA UNK C 21 -19.50 14.26 35.20
C UNK C 21 -20.71 13.90 36.05
N UNK C 22 -21.85 13.55 35.43
CA UNK C 22 -23.13 13.17 36.13
C UNK C 22 -23.93 14.41 36.57
N UNK C 23 -23.24 15.38 37.20
CA UNK C 23 -23.80 16.69 37.59
C UNK C 23 -23.93 17.37 36.24
N UNK C 24 -22.88 17.18 35.42
CA UNK C 24 -22.84 17.67 34.05
C UNK C 24 -24.17 17.25 33.40
N UNK C 25 -24.71 16.10 33.81
CA UNK C 25 -25.99 15.63 33.32
C UNK C 25 -27.16 16.58 33.61
N UNK C 26 -26.86 17.83 33.97
CA UNK C 26 -27.84 18.91 34.20
C UNK C 26 -28.19 19.51 32.83
N UNK C 27 -27.51 19.01 31.77
CA UNK C 27 -27.73 19.41 30.36
C UNK C 27 -29.21 19.16 29.99
N UNK C 28 -29.83 18.15 30.61
CA UNK C 28 -31.24 17.80 30.39
C UNK C 28 -32.20 18.90 30.90
N UNK C 29 -31.71 19.77 31.77
CA UNK C 29 -32.49 20.89 32.32
C UNK C 29 -32.24 22.24 31.63
N UNK C 30 -31.46 22.23 30.54
CA UNK C 30 -31.11 23.43 29.74
C UNK C 30 -30.74 24.77 30.44
N UNK C 31 -31.56 25.82 30.25
CA UNK C 31 -31.33 27.19 30.81
C UNK C 31 -29.83 27.55 31.10
N UNK C 32 -29.14 28.04 30.06
CA UNK C 32 -27.70 28.41 30.10
C UNK C 32 -26.91 27.67 31.17
N UNK C 33 -26.45 26.49 30.76
CA UNK C 33 -25.65 25.60 31.59
C UNK C 33 -24.36 26.27 32.01
N UNK C 34 -24.25 27.57 31.81
CA UNK C 34 -23.03 28.28 32.19
C UNK C 34 -22.66 28.13 33.70
N UNK C 35 -23.53 27.50 34.48
CA UNK C 35 -23.27 27.32 35.92
C UNK C 35 -22.90 25.90 36.45
N UNK C 36 -21.88 25.27 35.85
CA UNK C 36 -21.39 23.94 36.26
C UNK C 36 -19.94 24.13 36.73
N UNK C 37 -19.71 25.31 37.31
CA UNK C 37 -18.44 25.81 37.84
C UNK C 37 -17.91 26.80 36.79
N UNK D 1 -28.02 -25.52 23.34
CA UNK D 1 -28.88 -24.33 23.63
C UNK D 1 -27.92 -23.20 24.12
N UNK D 2 -28.41 -22.25 24.92
CA UNK D 2 -27.61 -21.12 25.46
C UNK D 2 -26.43 -21.41 26.43
N UNK D 3 -25.89 -22.64 26.39
CA UNK D 3 -24.74 -23.05 27.22
C UNK D 3 -23.48 -22.38 26.65
N UNK D 4 -23.47 -22.12 25.33
CA UNK D 4 -22.34 -21.40 24.72
C UNK D 4 -22.37 -19.94 25.26
N UNK D 5 -23.58 -19.45 25.63
CA UNK D 5 -23.83 -18.09 26.19
C UNK D 5 -23.37 -17.93 27.64
N UNK D 6 -22.56 -18.88 28.11
CA UNK D 6 -22.00 -18.88 29.45
C UNK D 6 -21.09 -20.11 29.59
N UNK D 7 -20.19 -20.30 28.62
CA UNK D 7 -19.26 -21.44 28.63
C UNK D 7 -18.44 -21.33 29.91
N UNK D 8 -17.71 -22.39 30.29
CA UNK D 8 -16.86 -22.40 31.53
C UNK D 8 -17.74 -22.80 32.71
N UNK D 9 -18.98 -22.28 32.70
CA UNK D 9 -20.02 -22.59 33.68
C UNK D 9 -20.64 -23.87 33.10
N UNK D 10 -20.60 -23.94 31.77
CA UNK D 10 -21.04 -25.13 31.05
C UNK D 10 -19.98 -26.22 31.24
N UNK D 11 -18.71 -25.85 31.02
CA UNK D 11 -17.61 -26.80 31.18
C UNK D 11 -17.51 -27.62 32.48
N UNK D 12 -18.00 -27.04 33.57
CA UNK D 12 -17.98 -27.69 34.86
C UNK D 12 -19.12 -28.68 35.09
N UNK D 13 -20.31 -28.36 34.59
CA UNK D 13 -21.43 -29.30 34.71
C UNK D 13 -21.04 -30.59 33.95
N UNK D 14 -20.29 -30.45 32.86
CA UNK D 14 -19.82 -31.58 32.04
C UNK D 14 -18.82 -32.46 32.81
N UNK D 15 -17.72 -31.89 33.26
CA UNK D 15 -16.72 -32.67 34.00
C UNK D 15 -17.19 -33.21 35.38
N UNK D 16 -18.52 -33.20 35.61
CA UNK D 16 -19.19 -33.71 36.81
C UNK D 16 -20.63 -34.20 36.50
#